data_8HJ8
#
_entry.id   8HJ8
#
_cell.length_a   100.500
_cell.length_b   100.500
_cell.length_c   182.689
_cell.angle_alpha   90.00
_cell.angle_beta   90.00
_cell.angle_gamma   90.00
#
_symmetry.space_group_name_H-M   'P 43 21 2'
#
loop_
_entity.id
_entity.type
_entity.pdbx_description
1 polymer 'Glyco_hydro_3 domain-containing protein'
2 non-polymer 2-acetamido-2-deoxy-beta-D-glucopyranose
3 non-polymer 2-deoxy-2-fluoro-alpha-D-glucopyranose
4 non-polymer 2-deoxy-2-fluoro-beta-D-glucopyranose
5 non-polymer GLYCEROL
6 non-polymer 'ACETATE ION'
7 non-polymer 'SULFATE ION'
8 water water
#
_entity_poly.entity_id   1
_entity_poly.type   'polypeptide(L)'
_entity_poly.pdbx_seq_one_letter_code
;HHAADYVLYKDATKPVEDRVADLLGRMTLAEKIGQMTQIERLVATPDVLRDNFIGSLLSGGGSVPRKGATAKEWQDMVDG
FQKACMSTRLGIPMIYGIDAVHGQNNVYGATIFPHNVGLGATRDPYLVKRIGEATALEVRATGIQYAFAPCIAVCRDPRW
GRCYESYSEDRRIVQSMTELIPGLQGDVPKDFTSGMPFVAGKNKVAACAKHFVGDGGTVDGINANNTIINREGLMNIHMP
AYKNAMDKGVSTVMISYSSWNGVKMHANQDLVTGYLKDTLKFKGFVISDWEGIDRITTPAGSDYSYSVKASILAGLDMIM
VPNKYQQFISILTGHVNGGVIPMSRIDDAVTRILRVKFTMGLFENPYADPAMAEQLGKQEHRDLAREAARKSLVLLKNGK
TSTDAPLLPLPKKAPKILVAGSHADNLGYQCGGWTIEWQGDTGRTTVGTTILEAVKAAVDPSTVVVFAENPDAEFVKSGG
FSYAIVAVGEHPYTETKGDNLNLTIPEPGLSTVQAVCGGVRCATVLISGRPVVVQPLLAASDALVAAWLPGSEGQGVTDA
LFGDFGFTGRLPRTWFKSVDQLPMNVGDAHYDPLFRLGYGLTTNATKKY
;
_entity_poly.pdbx_strand_id   A
#
loop_
_chem_comp.id
_chem_comp.type
_chem_comp.name
_chem_comp.formula
ACT non-polymer 'ACETATE ION' 'C2 H3 O2 -1'
G2F D-saccharide, alpha linking 2-deoxy-2-fluoro-alpha-D-glucopyranose 'C6 H11 F O5'
GOL non-polymer GLYCEROL 'C3 H8 O3'
NAG D-saccharide, beta linking 2-acetamido-2-deoxy-beta-D-glucopyranose 'C8 H15 N O6'
SHG D-saccharide, beta linking 2-deoxy-2-fluoro-beta-D-glucopyranose 'C6 H11 F O5'
SO4 non-polymer 'SULFATE ION' 'O4 S -2'
#
# COMPACT_ATOMS: atom_id res chain seq x y z
N HIS A 1 29.98 -30.18 -8.55
CA HIS A 1 30.94 -29.49 -7.60
C HIS A 1 30.85 -30.00 -6.06
N HIS A 2 30.94 -31.35 -5.84
CA HIS A 2 31.91 -32.02 -4.85
C HIS A 2 31.45 -33.28 -4.09
N ALA A 3 30.82 -33.23 -2.89
CA ALA A 3 30.29 -34.51 -2.20
C ALA A 3 29.51 -35.54 -3.11
N ALA A 4 29.42 -36.83 -2.71
CA ALA A 4 28.72 -37.85 -3.57
C ALA A 4 27.15 -37.66 -3.72
N ASP A 5 26.52 -37.04 -2.71
CA ASP A 5 25.11 -36.68 -2.72
C ASP A 5 24.81 -35.11 -3.12
N TYR A 6 25.71 -34.53 -3.90
CA TYR A 6 25.60 -33.20 -4.48
C TYR A 6 24.35 -33.06 -5.35
N VAL A 7 23.65 -31.95 -5.19
CA VAL A 7 22.51 -31.61 -6.04
C VAL A 7 22.74 -30.15 -6.45
N LEU A 8 22.86 -29.87 -7.74
CA LEU A 8 23.32 -28.54 -8.21
C LEU A 8 22.35 -27.42 -7.65
N TYR A 9 21.03 -27.67 -7.60
CA TYR A 9 20.13 -26.56 -7.19
C TYR A 9 20.33 -26.11 -5.76
N LYS A 10 20.86 -26.95 -4.94
CA LYS A 10 21.15 -26.67 -3.52
C LYS A 10 22.54 -26.03 -3.30
N ASP A 11 23.30 -25.81 -4.35
CA ASP A 11 24.69 -25.22 -4.29
C ASP A 11 24.55 -23.70 -4.46
N ALA A 12 24.73 -22.99 -3.33
CA ALA A 12 24.63 -21.53 -3.36
C ALA A 12 25.64 -20.81 -4.26
N THR A 13 26.69 -21.46 -4.75
CA THR A 13 27.76 -20.78 -5.56
C THR A 13 27.36 -20.82 -7.00
N LYS A 14 26.27 -21.52 -7.35
CA LYS A 14 25.96 -21.63 -8.78
C LYS A 14 25.05 -20.49 -9.24
N PRO A 15 25.05 -20.16 -10.53
CA PRO A 15 24.23 -19.11 -11.12
C PRO A 15 22.80 -19.47 -10.94
N VAL A 16 21.96 -18.43 -10.72
CA VAL A 16 20.50 -18.64 -10.44
C VAL A 16 19.94 -19.39 -11.58
N GLU A 17 20.23 -18.99 -12.86
CA GLU A 17 19.57 -19.74 -13.99
C GLU A 17 19.85 -21.29 -14.05
N ASP A 18 21.06 -21.69 -13.66
CA ASP A 18 21.50 -23.07 -13.63
C ASP A 18 20.76 -23.78 -12.46
N ARG A 19 20.59 -23.06 -11.35
CA ARG A 19 19.85 -23.68 -10.27
C ARG A 19 18.36 -23.87 -10.60
N VAL A 20 17.76 -22.83 -11.17
CA VAL A 20 16.41 -22.90 -11.70
C VAL A 20 16.23 -24.12 -12.62
N ALA A 21 17.11 -24.23 -13.63
CA ALA A 21 16.93 -25.32 -14.60
C ALA A 21 17.15 -26.70 -13.96
N ASP A 22 18.12 -26.78 -13.04
CA ASP A 22 18.41 -28.00 -12.39
C ASP A 22 17.22 -28.51 -11.57
N LEU A 23 16.60 -27.60 -10.79
CA LEU A 23 15.48 -27.97 -9.96
C LEU A 23 14.27 -28.28 -10.81
N LEU A 24 14.03 -27.45 -11.82
CA LEU A 24 12.79 -27.64 -12.65
C LEU A 24 12.77 -29.07 -13.30
N GLY A 25 13.92 -29.47 -13.82
CA GLY A 25 14.15 -30.77 -14.51
C GLY A 25 13.90 -31.93 -13.57
N ARG A 26 13.86 -31.75 -12.22
CA ARG A 26 13.58 -32.80 -11.31
C ARG A 26 12.16 -32.91 -10.86
N MET A 27 11.33 -31.94 -11.16
CA MET A 27 10.05 -31.80 -10.46
C MET A 27 8.89 -32.57 -11.15
N THR A 28 8.04 -33.17 -10.39
CA THR A 28 6.81 -33.70 -10.91
C THR A 28 5.82 -32.61 -11.20
N LEU A 29 4.77 -32.98 -11.93
CA LEU A 29 3.63 -32.10 -12.21
C LEU A 29 3.01 -31.55 -10.90
N ALA A 30 2.76 -32.41 -9.97
CA ALA A 30 2.30 -31.99 -8.69
C ALA A 30 3.18 -30.95 -7.94
N GLU A 31 4.50 -31.16 -8.02
CA GLU A 31 5.48 -30.24 -7.42
C GLU A 31 5.45 -28.92 -8.14
N LYS A 32 5.37 -28.96 -9.46
CA LYS A 32 5.19 -27.75 -10.31
C LYS A 32 3.93 -26.93 -10.06
N ILE A 33 2.77 -27.60 -10.03
CA ILE A 33 1.54 -26.87 -9.77
C ILE A 33 1.54 -26.35 -8.31
N GLY A 34 2.09 -27.10 -7.38
CA GLY A 34 2.28 -26.68 -6.01
C GLY A 34 2.97 -25.32 -5.93
N GLN A 35 4.04 -25.14 -6.69
CA GLN A 35 4.78 -23.84 -6.69
C GLN A 35 3.90 -22.69 -7.07
N MET A 36 2.94 -22.96 -7.96
CA MET A 36 1.99 -22.04 -8.47
C MET A 36 0.82 -21.72 -7.59
N THR A 37 0.79 -22.27 -6.38
CA THR A 37 -0.32 -22.13 -5.54
C THR A 37 0.04 -21.39 -4.30
N GLN A 38 -0.64 -20.27 -4.05
CA GLN A 38 -0.46 -19.46 -2.82
C GLN A 38 -1.73 -19.60 -1.98
N ILE A 39 -1.60 -19.96 -0.69
CA ILE A 39 -2.73 -20.10 0.17
C ILE A 39 -2.67 -19.19 1.38
N GLU A 40 -3.85 -18.91 1.91
CA GLU A 40 -3.96 -18.13 3.16
C GLU A 40 -3.32 -18.95 4.31
N ARG A 41 -2.61 -18.24 5.21
CA ARG A 41 -2.27 -18.91 6.46
C ARG A 41 -3.50 -19.52 7.14
N LEU A 42 -4.66 -18.91 7.02
CA LEU A 42 -5.88 -19.44 7.66
C LEU A 42 -6.21 -20.88 7.23
N VAL A 43 -5.76 -21.36 6.07
CA VAL A 43 -6.05 -22.72 5.66
C VAL A 43 -4.88 -23.60 5.68
N ALA A 44 -3.70 -23.07 6.11
CA ALA A 44 -2.47 -23.79 5.97
C ALA A 44 -2.33 -24.68 7.25
N THR A 45 -1.77 -25.84 7.04
CA THR A 45 -1.26 -26.76 8.11
C THR A 45 0.02 -27.42 7.59
N PRO A 46 0.78 -28.06 8.51
CA PRO A 46 1.99 -28.71 8.05
C PRO A 46 1.77 -29.80 7.00
N ASP A 47 0.73 -30.61 7.19
CA ASP A 47 0.38 -31.61 6.22
C ASP A 47 -0.09 -31.01 4.89
N VAL A 48 -0.87 -29.89 4.95
CA VAL A 48 -1.40 -29.33 3.75
C VAL A 48 -0.24 -28.80 2.88
N LEU A 49 0.71 -28.12 3.54
CA LEU A 49 1.90 -27.55 2.86
C LEU A 49 2.74 -28.64 2.21
N ARG A 50 2.93 -29.76 2.94
CA ARG A 50 3.81 -30.90 2.46
C ARG A 50 3.14 -31.64 1.38
N ASP A 51 1.89 -32.05 1.63
CA ASP A 51 1.14 -32.93 0.69
C ASP A 51 0.79 -32.33 -0.59
N ASN A 52 0.52 -31.03 -0.60
CA ASN A 52 0.24 -30.28 -1.86
C ASN A 52 1.44 -29.44 -2.41
N PHE A 53 2.62 -29.61 -1.85
CA PHE A 53 3.89 -29.01 -2.33
C PHE A 53 3.74 -27.51 -2.54
N ILE A 54 3.08 -26.86 -1.57
CA ILE A 54 2.62 -25.47 -1.69
C ILE A 54 3.83 -24.52 -1.85
N GLY A 55 3.66 -23.57 -2.75
CA GLY A 55 4.72 -22.62 -3.16
C GLY A 55 4.76 -21.35 -2.31
N SER A 56 3.63 -20.93 -1.76
CA SER A 56 3.54 -19.63 -1.09
C SER A 56 2.42 -19.56 -0.17
N LEU A 57 2.57 -18.71 0.83
CA LEU A 57 1.49 -18.39 1.77
C LEU A 57 1.34 -16.85 1.80
N LEU A 58 0.17 -16.40 2.22
CA LEU A 58 -0.04 -15.04 2.57
C LEU A 58 -0.87 -14.85 3.83
N SER A 59 -0.76 -13.62 4.32
CA SER A 59 -1.76 -13.01 5.20
C SER A 59 -2.48 -12.00 4.37
N GLY A 60 -3.78 -12.18 4.20
CA GLY A 60 -4.60 -11.05 3.70
C GLY A 60 -4.74 -10.00 4.80
N GLY A 61 -5.40 -8.90 4.48
CA GLY A 61 -5.70 -7.89 5.53
C GLY A 61 -6.27 -8.47 6.77
N GLY A 62 -5.68 -8.19 7.94
CA GLY A 62 -6.19 -8.71 9.22
C GLY A 62 -5.96 -10.13 9.52
N SER A 63 -5.15 -10.81 8.70
CA SER A 63 -4.89 -12.31 8.87
C SER A 63 -3.60 -12.43 9.67
N VAL A 64 -3.76 -12.61 10.97
CA VAL A 64 -2.72 -12.54 11.98
C VAL A 64 -2.79 -13.74 12.95
N PRO A 65 -1.63 -14.11 13.56
CA PRO A 65 -1.64 -15.30 14.41
C PRO A 65 -2.48 -15.08 15.70
N ARG A 66 -2.47 -13.86 16.13
CA ARG A 66 -3.40 -13.33 17.11
C ARG A 66 -3.28 -11.84 17.27
N LYS A 67 -4.30 -11.28 17.87
CA LYS A 67 -4.30 -9.84 18.11
C LYS A 67 -3.17 -9.51 18.98
N GLY A 68 -2.44 -8.49 18.69
CA GLY A 68 -1.38 -8.05 19.64
C GLY A 68 -0.14 -8.89 19.52
N ALA A 69 0.02 -9.73 18.50
CA ALA A 69 1.11 -10.71 18.49
C ALA A 69 2.47 -9.90 18.38
N THR A 70 3.49 -10.44 18.97
CA THR A 70 4.84 -9.86 18.96
C THR A 70 5.50 -10.20 17.64
N ALA A 71 6.62 -9.51 17.34
CA ALA A 71 7.41 -9.87 16.18
C ALA A 71 7.82 -11.33 16.24
N LYS A 72 8.25 -11.81 17.39
CA LYS A 72 8.69 -13.19 17.53
C LYS A 72 7.53 -14.18 17.23
N GLU A 73 6.32 -13.85 17.70
CA GLU A 73 5.14 -14.74 17.39
C GLU A 73 4.96 -14.86 15.85
N TRP A 74 5.14 -13.76 15.15
CA TRP A 74 5.07 -13.83 13.69
C TRP A 74 6.23 -14.69 13.11
N GLN A 75 7.47 -14.52 13.61
CA GLN A 75 8.59 -15.26 13.10
C GLN A 75 8.31 -16.75 13.29
N ASP A 76 7.87 -17.11 14.48
CA ASP A 76 7.63 -18.50 14.83
C ASP A 76 6.52 -19.06 13.90
N MET A 77 5.45 -18.32 13.65
CA MET A 77 4.43 -18.80 12.74
C MET A 77 4.97 -19.03 11.35
N VAL A 78 5.71 -18.07 10.83
CA VAL A 78 6.23 -18.26 9.51
C VAL A 78 7.22 -19.38 9.40
N ASP A 79 8.11 -19.53 10.42
CA ASP A 79 9.04 -20.60 10.46
C ASP A 79 8.38 -21.99 10.56
N GLY A 80 7.30 -22.09 11.34
CA GLY A 80 6.47 -23.32 11.32
C GLY A 80 6.05 -23.76 9.96
N PHE A 81 5.52 -22.85 9.20
CA PHE A 81 5.02 -23.15 7.85
C PHE A 81 6.28 -23.53 7.00
N GLN A 82 7.38 -22.74 7.11
CA GLN A 82 8.60 -23.07 6.34
C GLN A 82 9.13 -24.48 6.60
N LYS A 83 9.20 -24.84 7.85
CA LYS A 83 9.71 -26.14 8.26
C LYS A 83 8.93 -27.27 7.57
N ALA A 84 7.62 -27.12 7.43
CA ALA A 84 6.80 -28.07 6.71
C ALA A 84 7.18 -28.12 5.21
N CYS A 85 7.42 -26.95 4.58
CA CYS A 85 7.71 -26.89 3.17
C CYS A 85 9.09 -27.45 2.97
N MET A 86 9.96 -27.20 3.91
CA MET A 86 11.38 -27.63 3.72
C MET A 86 11.48 -29.19 3.84
N SER A 87 10.46 -29.78 4.38
CA SER A 87 10.46 -31.23 4.61
C SER A 87 9.93 -31.98 3.38
N THR A 88 9.48 -31.34 2.35
CA THR A 88 9.13 -32.08 1.14
C THR A 88 10.36 -32.74 0.54
N ARG A 89 10.08 -33.59 -0.44
CA ARG A 89 11.18 -34.29 -1.14
C ARG A 89 12.27 -33.34 -1.71
N LEU A 90 11.86 -32.25 -2.34
CA LEU A 90 12.78 -31.36 -2.94
C LEU A 90 13.22 -30.19 -1.97
N GLY A 91 12.44 -29.99 -0.92
CA GLY A 91 12.76 -28.98 0.09
C GLY A 91 12.79 -27.57 -0.50
N ILE A 92 11.74 -27.24 -1.26
CA ILE A 92 11.66 -25.91 -1.89
C ILE A 92 11.02 -24.98 -0.80
N PRO A 93 11.72 -23.92 -0.41
CA PRO A 93 11.12 -23.03 0.62
C PRO A 93 9.94 -22.26 0.08
N MET A 94 8.92 -22.04 0.93
CA MET A 94 7.83 -21.17 0.57
C MET A 94 8.27 -19.71 0.67
N ILE A 95 7.57 -18.84 -0.07
CA ILE A 95 7.68 -17.37 0.12
C ILE A 95 6.39 -16.90 0.77
N TYR A 96 6.49 -16.07 1.82
CA TYR A 96 5.32 -15.57 2.56
C TYR A 96 5.13 -14.13 2.23
N GLY A 97 3.94 -13.79 1.74
CA GLY A 97 3.58 -12.44 1.35
C GLY A 97 2.58 -11.73 2.24
N ILE A 98 2.59 -10.43 2.17
CA ILE A 98 1.68 -9.64 3.01
C ILE A 98 1.52 -8.22 2.44
N ASP A 99 0.38 -7.60 2.75
CA ASP A 99 0.16 -6.23 2.39
C ASP A 99 0.90 -5.33 3.37
N ALA A 100 2.17 -5.08 3.11
CA ALA A 100 2.92 -4.07 3.94
C ALA A 100 2.97 -2.83 2.99
N VAL A 101 1.92 -2.01 3.05
CA VAL A 101 1.71 -0.96 2.07
C VAL A 101 1.83 0.48 2.66
N HIS A 102 2.02 0.60 3.96
CA HIS A 102 2.37 1.84 4.58
C HIS A 102 3.00 1.47 5.91
N GLY A 103 4.19 0.83 5.78
CA GLY A 103 4.80 0.10 6.88
C GLY A 103 4.24 -1.34 6.86
N GLN A 104 4.66 -2.07 7.88
CA GLN A 104 4.22 -3.47 8.11
C GLN A 104 2.86 -3.46 8.81
N ASN A 105 1.87 -3.06 8.07
CA ASN A 105 0.71 -2.46 8.72
C ASN A 105 -0.34 -3.46 9.33
N ASN A 106 -0.24 -4.75 9.09
CA ASN A 106 -1.13 -5.69 9.83
C ASN A 106 -0.63 -5.96 11.26
N VAL A 107 0.62 -5.55 11.55
CA VAL A 107 1.30 -5.94 12.76
C VAL A 107 1.21 -4.87 13.87
N TYR A 108 0.83 -5.33 15.06
CA TYR A 108 0.74 -4.49 16.27
C TYR A 108 2.15 -3.95 16.61
N GLY A 109 2.27 -2.65 16.74
CA GLY A 109 3.54 -2.05 17.06
C GLY A 109 4.45 -1.75 15.90
N ALA A 110 4.03 -2.04 14.69
CA ALA A 110 4.71 -1.60 13.49
C ALA A 110 4.52 -0.10 13.19
N THR A 111 5.62 0.52 12.78
CA THR A 111 5.60 1.88 12.31
C THR A 111 4.59 2.04 11.19
N ILE A 112 3.64 2.96 11.33
CA ILE A 112 2.64 3.15 10.26
C ILE A 112 2.96 4.49 9.53
N PHE A 113 3.35 4.34 8.29
CA PHE A 113 3.73 5.54 7.45
C PHE A 113 2.51 6.18 6.79
N PRO A 114 2.60 7.46 6.41
CA PRO A 114 1.52 8.02 5.56
C PRO A 114 1.19 7.20 4.38
N HIS A 115 -0.11 7.10 4.08
CA HIS A 115 -0.51 6.48 2.83
C HIS A 115 -0.04 7.21 1.60
N ASN A 116 -0.09 6.49 0.50
CA ASN A 116 0.49 6.99 -0.69
C ASN A 116 0.15 8.36 -1.24
N VAL A 117 -1.13 8.74 -1.17
CA VAL A 117 -1.52 10.05 -1.64
C VAL A 117 -0.67 11.14 -0.93
N GLY A 118 -0.49 11.03 0.36
CA GLY A 118 0.30 11.99 1.11
C GLY A 118 1.76 11.95 0.74
N LEU A 119 2.25 10.78 0.46
CA LEU A 119 3.63 10.70 -0.02
C LEU A 119 3.79 11.43 -1.37
N GLY A 120 2.81 11.35 -2.24
CA GLY A 120 2.84 12.12 -3.49
C GLY A 120 2.93 13.62 -3.23
N ALA A 121 2.28 14.07 -2.16
CA ALA A 121 2.33 15.51 -1.81
C ALA A 121 3.72 15.96 -1.43
N THR A 122 4.56 15.03 -1.03
CA THR A 122 5.94 15.35 -0.67
C THR A 122 6.88 15.66 -1.81
N ARG A 123 6.55 15.18 -2.97
CA ARG A 123 7.45 15.22 -4.13
C ARG A 123 8.90 14.81 -3.77
N ASP A 124 9.10 13.83 -2.92
CA ASP A 124 10.41 13.46 -2.41
C ASP A 124 10.63 11.92 -2.58
N PRO A 125 11.04 11.54 -3.73
CA PRO A 125 11.25 10.13 -3.97
C PRO A 125 12.32 9.53 -3.09
N TYR A 126 13.36 10.27 -2.69
CA TYR A 126 14.31 9.73 -1.70
C TYR A 126 13.69 9.36 -0.33
N LEU A 127 12.80 10.19 0.13
CA LEU A 127 12.06 9.98 1.35
C LEU A 127 11.27 8.64 1.13
N VAL A 128 10.69 8.43 -0.03
CA VAL A 128 9.91 7.21 -0.26
C VAL A 128 10.82 5.98 -0.34
N LYS A 129 12.00 6.12 -0.95
CA LYS A 129 13.00 5.08 -0.89
C LYS A 129 13.29 4.67 0.59
N ARG A 130 13.50 5.65 1.42
CA ARG A 130 13.91 5.43 2.80
C ARG A 130 12.76 4.71 3.52
N ILE A 131 11.52 5.10 3.18
CA ILE A 131 10.37 4.41 3.72
C ILE A 131 10.36 2.94 3.27
N GLY A 132 10.62 2.67 1.99
CA GLY A 132 10.91 1.31 1.53
C GLY A 132 11.88 0.50 2.34
N GLU A 133 13.03 1.11 2.55
CA GLU A 133 14.05 0.55 3.37
C GLU A 133 13.60 0.16 4.76
N ALA A 134 12.94 1.10 5.41
CA ALA A 134 12.52 0.87 6.77
C ALA A 134 11.40 -0.18 6.80
N THR A 135 10.53 -0.18 5.82
CA THR A 135 9.45 -1.17 5.71
C THR A 135 10.01 -2.56 5.50
N ALA A 136 11.01 -2.69 4.62
CA ALA A 136 11.67 -4.00 4.50
C ALA A 136 12.22 -4.55 5.84
N LEU A 137 12.84 -3.70 6.64
CA LEU A 137 13.36 -4.13 7.93
C LEU A 137 12.20 -4.58 8.83
N GLU A 138 11.10 -3.84 8.88
CA GLU A 138 10.00 -4.18 9.72
C GLU A 138 9.21 -5.38 9.21
N VAL A 139 9.18 -5.64 7.93
CA VAL A 139 8.65 -6.86 7.41
C VAL A 139 9.52 -8.06 7.79
N ARG A 140 10.83 -7.90 7.66
CA ARG A 140 11.73 -9.04 7.97
C ARG A 140 11.82 -9.26 9.49
N ALA A 141 11.44 -8.20 10.23
CA ALA A 141 11.32 -8.37 11.69
C ALA A 141 10.31 -9.42 12.07
N THR A 142 9.37 -9.59 11.19
CA THR A 142 8.23 -10.53 11.48
C THR A 142 8.43 -11.89 10.68
N GLY A 143 9.57 -11.99 9.99
CA GLY A 143 9.92 -13.21 9.23
C GLY A 143 9.34 -13.31 7.88
N ILE A 144 8.77 -12.23 7.40
CA ILE A 144 8.13 -12.20 6.09
C ILE A 144 9.02 -11.69 5.05
N GLN A 145 8.97 -12.34 3.84
CA GLN A 145 10.00 -12.01 2.79
C GLN A 145 9.46 -11.20 1.59
N TYR A 146 8.12 -10.92 1.55
CA TYR A 146 7.49 -10.44 0.36
C TYR A 146 6.35 -9.47 0.74
N ALA A 147 6.42 -8.25 0.17
CA ALA A 147 5.44 -7.21 0.34
C ALA A 147 4.70 -6.95 -0.93
N PHE A 148 3.39 -6.94 -0.85
CA PHE A 148 2.52 -6.56 -1.96
C PHE A 148 2.46 -5.00 -2.18
N ALA A 149 3.61 -4.44 -2.60
CA ALA A 149 3.70 -3.06 -2.79
C ALA A 149 4.88 -2.75 -3.70
N PRO A 150 4.89 -1.61 -4.41
CA PRO A 150 3.94 -0.52 -4.38
C PRO A 150 2.73 -0.65 -5.24
N CYS A 151 1.60 -0.08 -4.75
CA CYS A 151 0.54 0.24 -5.67
C CYS A 151 0.91 1.45 -6.52
N ILE A 152 1.13 1.24 -7.82
CA ILE A 152 1.40 2.28 -8.81
C ILE A 152 0.22 2.57 -9.67
N ALA A 153 -1.01 2.33 -9.19
CA ALA A 153 -2.19 2.91 -9.79
C ALA A 153 -2.05 4.47 -9.96
N VAL A 154 -2.63 4.96 -11.06
CA VAL A 154 -2.72 6.44 -11.31
C VAL A 154 -4.21 6.73 -11.17
N CYS A 155 -4.59 7.15 -9.95
CA CYS A 155 -6.00 7.38 -9.68
C CYS A 155 -6.51 8.61 -10.46
N ARG A 156 -7.49 8.38 -11.33
CA ARG A 156 -7.98 9.42 -12.21
C ARG A 156 -9.35 9.94 -11.79
N ASP A 157 -9.96 9.33 -10.76
CA ASP A 157 -11.20 9.79 -10.16
C ASP A 157 -11.25 9.50 -8.69
N PRO A 158 -11.37 10.50 -7.82
CA PRO A 158 -11.17 10.30 -6.40
C PRO A 158 -12.36 9.66 -5.78
N ARG A 159 -13.41 9.41 -6.59
CA ARG A 159 -14.48 8.59 -6.03
C ARG A 159 -14.09 7.12 -5.75
N TRP A 160 -12.95 6.70 -6.32
CA TRP A 160 -12.42 5.36 -6.06
C TRP A 160 -11.99 5.18 -4.57
N GLY A 161 -12.39 4.07 -4.00
CA GLY A 161 -12.05 3.65 -2.66
C GLY A 161 -10.52 3.40 -2.42
N ARG A 162 -9.73 3.28 -3.49
CA ARG A 162 -8.28 3.10 -3.39
C ARG A 162 -7.53 4.29 -3.88
N CYS A 163 -8.17 5.43 -3.99
CA CYS A 163 -7.41 6.61 -4.45
C CYS A 163 -6.26 6.95 -3.54
N TYR A 164 -6.44 6.72 -2.23
CA TYR A 164 -5.30 7.02 -1.28
C TYR A 164 -4.09 6.16 -1.46
N GLU A 165 -4.30 4.99 -2.11
CA GLU A 165 -3.20 4.13 -2.46
C GLU A 165 -2.44 4.49 -3.70
N SER A 166 -2.84 5.59 -4.38
CA SER A 166 -2.15 6.15 -5.54
C SER A 166 -1.41 7.41 -5.18
N TYR A 167 -0.14 7.46 -5.58
CA TYR A 167 0.65 8.62 -5.30
C TYR A 167 0.09 9.89 -5.90
N SER A 168 -0.58 9.78 -7.05
CA SER A 168 -0.97 11.00 -7.78
C SER A 168 -1.84 10.68 -8.92
N GLU A 169 -2.60 11.65 -9.38
CA GLU A 169 -3.31 11.50 -10.69
C GLU A 169 -2.37 11.76 -11.88
N ASP A 170 -1.17 12.26 -11.60
CA ASP A 170 -0.15 12.48 -12.57
C ASP A 170 0.87 11.36 -12.61
N ARG A 171 0.91 10.65 -13.72
CA ARG A 171 1.80 9.52 -13.84
C ARG A 171 3.25 9.88 -13.62
N ARG A 172 3.68 11.12 -13.94
CA ARG A 172 5.08 11.37 -13.69
C ARG A 172 5.37 11.34 -12.18
N ILE A 173 4.45 11.74 -11.35
CA ILE A 173 4.75 11.61 -9.88
C ILE A 173 4.83 10.14 -9.43
N VAL A 174 3.92 9.35 -9.96
CA VAL A 174 3.84 7.90 -9.71
C VAL A 174 5.17 7.26 -10.12
N GLN A 175 5.62 7.58 -11.34
CA GLN A 175 6.90 7.13 -11.87
C GLN A 175 7.99 7.49 -10.88
N SER A 176 8.09 8.75 -10.40
CA SER A 176 9.21 9.18 -9.57
C SER A 176 9.16 8.34 -8.24
N MET A 177 7.99 7.93 -7.79
CA MET A 177 7.90 7.24 -6.49
C MET A 177 8.05 5.71 -6.57
N THR A 178 8.34 5.17 -7.74
CA THR A 178 8.74 3.82 -7.80
C THR A 178 10.06 3.58 -7.12
N GLU A 179 10.75 4.63 -6.63
CA GLU A 179 11.83 4.45 -5.68
C GLU A 179 11.53 3.64 -4.45
N LEU A 180 10.25 3.44 -4.14
CA LEU A 180 9.91 2.47 -3.08
C LEU A 180 10.56 1.10 -3.35
N ILE A 181 10.60 0.72 -4.65
CA ILE A 181 11.09 -0.58 -5.07
C ILE A 181 12.48 -0.89 -4.64
N PRO A 182 13.53 -0.08 -5.04
CA PRO A 182 14.83 -0.34 -4.52
C PRO A 182 14.98 -0.12 -3.05
N GLY A 183 14.10 0.67 -2.42
CA GLY A 183 14.17 0.72 -0.95
C GLY A 183 13.80 -0.67 -0.32
N LEU A 184 12.69 -1.24 -0.78
CA LEU A 184 12.24 -2.52 -0.32
C LEU A 184 13.21 -3.68 -0.68
N GLN A 185 13.69 -3.67 -1.90
CA GLN A 185 14.44 -4.78 -2.44
C GLN A 185 15.98 -4.60 -2.45
N GLY A 186 16.47 -3.39 -2.28
CA GLY A 186 17.88 -3.04 -2.58
C GLY A 186 18.07 -2.52 -3.95
N ASP A 187 19.14 -1.71 -4.14
CA ASP A 187 19.47 -1.12 -5.46
C ASP A 187 19.99 -2.21 -6.36
N VAL A 188 19.61 -2.18 -7.62
CA VAL A 188 20.09 -3.21 -8.61
C VAL A 188 21.57 -2.88 -8.97
N PRO A 189 22.40 -3.86 -9.34
CA PRO A 189 23.80 -3.46 -9.63
C PRO A 189 23.90 -2.69 -10.93
N LYS A 190 25.01 -2.01 -11.15
CA LYS A 190 25.10 -1.14 -12.36
C LYS A 190 24.78 -1.84 -13.71
N ASP A 191 25.11 -3.12 -13.86
CA ASP A 191 24.93 -3.82 -15.18
C ASP A 191 23.44 -4.10 -15.58
N PHE A 192 22.49 -3.86 -14.68
CA PHE A 192 21.34 -4.73 -14.54
C PHE A 192 20.47 -4.74 -15.77
N THR A 193 19.92 -5.85 -16.16
CA THR A 193 18.97 -5.85 -17.29
C THR A 193 17.49 -5.57 -16.90
N SER A 194 16.88 -4.55 -17.52
CA SER A 194 15.57 -4.09 -17.11
C SER A 194 14.65 -5.36 -17.26
N GLY A 195 13.77 -5.59 -16.31
CA GLY A 195 12.80 -6.73 -16.32
C GLY A 195 13.16 -7.96 -15.49
N MET A 196 14.42 -8.13 -15.20
CA MET A 196 14.92 -9.11 -14.26
C MET A 196 14.47 -8.78 -12.83
N PRO A 197 14.22 -9.85 -12.04
CA PRO A 197 13.78 -9.62 -10.63
C PRO A 197 15.06 -9.40 -9.84
N PHE A 198 15.00 -8.76 -8.69
CA PHE A 198 16.11 -8.54 -7.81
C PHE A 198 15.72 -8.39 -6.39
N VAL A 199 16.42 -9.05 -5.46
CA VAL A 199 16.27 -8.69 -4.03
C VAL A 199 17.72 -8.86 -3.53
N ALA A 200 18.21 -7.99 -2.67
CA ALA A 200 19.58 -8.02 -2.29
C ALA A 200 19.95 -9.13 -1.34
N GLY A 201 19.04 -9.57 -0.56
CA GLY A 201 19.34 -10.60 0.45
C GLY A 201 18.37 -10.60 1.59
N LYS A 202 18.80 -11.14 2.74
CA LYS A 202 17.86 -11.59 3.83
C LYS A 202 17.27 -10.40 4.63
N ASN A 203 17.88 -9.24 4.51
CA ASN A 203 17.40 -8.03 5.10
C ASN A 203 16.54 -7.16 4.19
N LYS A 204 16.23 -7.64 2.96
CA LYS A 204 15.35 -6.99 2.04
C LYS A 204 14.21 -8.00 1.73
N VAL A 205 13.20 -7.46 1.04
CA VAL A 205 11.97 -8.18 0.67
C VAL A 205 11.77 -8.04 -0.82
N ALA A 206 11.11 -9.08 -1.34
CA ALA A 206 10.58 -8.95 -2.70
C ALA A 206 9.45 -7.97 -2.70
N ALA A 207 9.35 -7.21 -3.77
CA ALA A 207 8.31 -6.23 -3.96
C ALA A 207 7.29 -6.70 -5.05
N CYS A 208 6.29 -5.87 -5.25
CA CYS A 208 5.15 -6.18 -6.13
C CYS A 208 4.52 -4.95 -6.74
N ALA A 209 4.79 -4.70 -8.03
CA ALA A 209 4.14 -3.57 -8.71
C ALA A 209 2.69 -3.98 -8.97
N LYS A 210 1.75 -3.16 -8.52
CA LYS A 210 0.32 -3.57 -8.63
C LYS A 210 -0.57 -2.34 -8.91
N HIS A 211 -1.79 -2.51 -9.44
CA HIS A 211 -2.29 -3.72 -10.00
C HIS A 211 -2.40 -3.57 -11.55
N PHE A 212 -1.80 -4.48 -12.24
CA PHE A 212 -1.58 -4.37 -13.67
C PHE A 212 -2.91 -4.64 -14.33
N VAL A 213 -3.47 -3.68 -15.09
CA VAL A 213 -3.01 -2.29 -15.37
C VAL A 213 -4.31 -1.54 -15.64
N GLY A 214 -4.28 -0.26 -15.30
CA GLY A 214 -5.44 0.64 -15.39
C GLY A 214 -6.43 0.57 -14.24
N ASP A 215 -5.96 0.06 -13.12
CA ASP A 215 -6.76 0.00 -11.93
C ASP A 215 -7.32 1.37 -11.48
N GLY A 216 -6.55 2.45 -11.72
CA GLY A 216 -6.94 3.82 -11.31
C GLY A 216 -7.76 4.53 -12.39
N GLY A 217 -8.09 3.79 -13.47
CA GLY A 217 -8.79 4.43 -14.61
C GLY A 217 -10.23 3.99 -14.69
N THR A 218 -10.81 3.46 -13.65
CA THR A 218 -12.09 2.81 -13.88
C THR A 218 -13.27 3.80 -13.97
N VAL A 219 -14.38 3.38 -14.61
CA VAL A 219 -15.55 4.26 -14.89
C VAL A 219 -16.10 4.72 -13.48
N ASP A 220 -16.28 6.04 -13.31
CA ASP A 220 -16.81 6.68 -12.12
C ASP A 220 -15.99 6.27 -10.83
N GLY A 221 -14.72 5.91 -11.02
CA GLY A 221 -13.93 5.38 -9.91
C GLY A 221 -14.55 4.13 -9.25
N ILE A 222 -15.33 3.33 -9.97
CA ILE A 222 -15.93 2.16 -9.31
C ILE A 222 -14.80 1.10 -9.24
N ASN A 223 -14.55 0.57 -8.05
CA ASN A 223 -13.40 -0.31 -7.83
C ASN A 223 -13.63 -1.63 -8.61
N ALA A 224 -12.59 -2.08 -9.31
CA ALA A 224 -12.54 -3.40 -9.92
C ALA A 224 -13.43 -3.40 -11.18
N ASN A 225 -13.80 -2.22 -11.66
CA ASN A 225 -14.84 -2.13 -12.74
C ASN A 225 -14.13 -2.01 -14.10
N ASN A 226 -14.71 -1.33 -15.08
CA ASN A 226 -14.10 -1.31 -16.46
C ASN A 226 -13.39 0.02 -16.65
N THR A 227 -12.23 -0.04 -17.19
CA THR A 227 -11.48 1.14 -17.54
C THR A 227 -11.67 1.29 -19.09
N ILE A 228 -12.32 2.36 -19.54
CA ILE A 228 -12.60 2.56 -21.01
C ILE A 228 -11.62 3.62 -21.51
N ILE A 229 -10.62 3.24 -22.32
CA ILE A 229 -9.64 4.22 -22.72
C ILE A 229 -8.92 3.49 -23.81
N ASN A 230 -8.52 4.23 -24.83
CA ASN A 230 -7.78 3.60 -25.94
C ASN A 230 -6.40 3.25 -25.51
N ARG A 231 -5.70 2.49 -26.35
CA ARG A 231 -4.37 1.98 -26.05
C ARG A 231 -3.44 3.13 -25.80
N GLU A 232 -3.60 4.21 -26.56
CA GLU A 232 -2.66 5.29 -26.46
C GLU A 232 -2.78 5.89 -25.00
N GLY A 233 -4.00 6.08 -24.50
CA GLY A 233 -4.20 6.62 -23.20
C GLY A 233 -3.84 5.60 -22.08
N LEU A 234 -4.11 4.31 -22.27
CA LEU A 234 -3.56 3.24 -21.36
C LEU A 234 -2.09 3.37 -21.27
N MET A 235 -1.43 3.52 -22.43
CA MET A 235 0.03 3.51 -22.41
C MET A 235 0.63 4.82 -21.97
N ASN A 236 -0.07 5.91 -22.11
CA ASN A 236 0.42 7.21 -21.71
C ASN A 236 0.20 7.53 -20.22
N ILE A 237 -0.88 6.94 -19.65
CA ILE A 237 -1.27 7.27 -18.22
C ILE A 237 -0.97 6.10 -17.26
N HIS A 238 -1.51 4.95 -17.60
CA HIS A 238 -1.54 3.82 -16.67
C HIS A 238 -0.32 2.88 -16.65
N MET A 239 0.43 2.84 -17.77
CA MET A 239 1.49 1.90 -17.97
C MET A 239 2.85 2.42 -17.63
N PRO A 240 3.08 3.73 -17.76
CA PRO A 240 4.54 4.08 -17.72
C PRO A 240 5.39 3.65 -16.47
N ALA A 241 4.77 3.84 -15.30
CA ALA A 241 5.43 3.45 -14.03
C ALA A 241 5.80 1.90 -13.98
N TYR A 242 5.08 1.05 -14.73
CA TYR A 242 5.45 -0.39 -14.83
C TYR A 242 6.81 -0.52 -15.48
N LYS A 243 7.16 0.40 -16.38
CA LYS A 243 8.46 0.27 -17.11
C LYS A 243 9.54 0.73 -16.17
N ASN A 244 9.29 1.80 -15.40
CA ASN A 244 10.20 2.18 -14.26
C ASN A 244 10.44 1.05 -13.28
N ALA A 245 9.39 0.32 -12.99
CA ALA A 245 9.49 -0.84 -12.08
C ALA A 245 10.33 -1.90 -12.68
N MET A 246 10.18 -2.20 -13.98
CA MET A 246 11.09 -3.15 -14.60
C MET A 246 12.54 -2.69 -14.56
N ASP A 247 12.80 -1.40 -14.80
CA ASP A 247 14.14 -0.87 -14.76
C ASP A 247 14.78 -0.97 -13.40
N LYS A 248 13.98 -0.97 -12.33
CA LYS A 248 14.48 -1.17 -10.97
C LYS A 248 14.37 -2.59 -10.41
N GLY A 249 14.08 -3.56 -11.26
CA GLY A 249 14.15 -4.95 -10.84
C GLY A 249 12.98 -5.48 -10.00
N VAL A 250 11.78 -4.95 -10.18
CA VAL A 250 10.69 -5.33 -9.27
C VAL A 250 10.50 -6.84 -9.44
N SER A 251 10.33 -7.61 -8.37
CA SER A 251 10.39 -9.08 -8.46
C SER A 251 9.12 -9.75 -8.99
N THR A 252 8.00 -9.11 -8.65
CA THR A 252 6.68 -9.57 -9.01
C THR A 252 5.71 -8.49 -9.44
N VAL A 253 4.70 -8.92 -10.17
CA VAL A 253 3.63 -8.05 -10.65
C VAL A 253 2.26 -8.66 -10.35
N MET A 254 1.42 -7.94 -9.68
CA MET A 254 0.06 -8.48 -9.38
C MET A 254 -0.95 -7.93 -10.38
N ILE A 255 -1.87 -8.72 -10.79
CA ILE A 255 -2.88 -8.34 -11.75
C ILE A 255 -4.10 -7.75 -11.09
N SER A 256 -4.73 -6.78 -11.75
CA SER A 256 -5.93 -6.09 -11.33
C SER A 256 -7.22 -6.89 -11.49
N TYR A 257 -8.15 -6.71 -10.58
CA TYR A 257 -9.56 -7.19 -10.81
C TYR A 257 -10.28 -6.48 -11.96
N SER A 258 -9.81 -5.26 -12.28
CA SER A 258 -10.40 -4.39 -13.25
C SER A 258 -10.26 -4.99 -14.69
N SER A 259 -11.09 -4.43 -15.55
CA SER A 259 -11.11 -4.83 -16.96
C SER A 259 -10.54 -3.66 -17.80
N TRP A 260 -10.07 -3.89 -19.01
CA TRP A 260 -9.69 -2.82 -19.94
C TRP A 260 -10.59 -3.00 -21.24
N ASN A 261 -11.42 -2.02 -21.49
CA ASN A 261 -12.41 -2.06 -22.59
C ASN A 261 -13.18 -3.34 -22.57
N GLY A 262 -13.70 -3.70 -21.39
CA GLY A 262 -14.40 -4.94 -21.23
C GLY A 262 -13.66 -6.26 -21.11
N VAL A 263 -12.31 -6.31 -21.23
CA VAL A 263 -11.58 -7.57 -21.14
C VAL A 263 -11.03 -7.63 -19.67
N LYS A 264 -11.41 -8.66 -18.90
CA LYS A 264 -10.86 -8.90 -17.53
C LYS A 264 -9.33 -8.96 -17.62
N MET A 265 -8.60 -8.15 -16.82
CA MET A 265 -7.11 -8.24 -16.72
C MET A 265 -6.61 -9.62 -16.41
N HIS A 266 -7.32 -10.34 -15.54
CA HIS A 266 -6.92 -11.70 -15.18
C HIS A 266 -7.08 -12.73 -16.30
N ALA A 267 -7.65 -12.32 -17.40
CA ALA A 267 -7.79 -13.23 -18.60
C ALA A 267 -7.19 -12.59 -19.80
N ASN A 268 -6.36 -11.53 -19.66
CA ASN A 268 -5.82 -10.79 -20.79
C ASN A 268 -4.44 -11.21 -21.24
N GLN A 269 -4.39 -12.11 -22.22
CA GLN A 269 -3.16 -12.62 -22.67
C GLN A 269 -2.33 -11.59 -23.34
N ASP A 270 -2.96 -10.79 -24.20
CA ASP A 270 -2.28 -9.75 -24.92
C ASP A 270 -1.50 -8.86 -24.02
N LEU A 271 -2.16 -8.39 -22.96
CA LEU A 271 -1.42 -7.56 -21.99
C LEU A 271 -0.42 -8.22 -21.01
N VAL A 272 -0.79 -9.33 -20.44
CA VAL A 272 0.09 -10.03 -19.45
C VAL A 272 1.20 -10.77 -20.15
N THR A 273 0.89 -11.51 -21.21
CA THR A 273 1.99 -12.22 -21.96
C THR A 273 2.55 -11.32 -23.04
N GLY A 274 1.66 -10.82 -23.91
CA GLY A 274 2.11 -10.00 -25.07
C GLY A 274 2.91 -8.77 -24.70
N TYR A 275 2.43 -8.03 -23.68
CA TYR A 275 3.06 -6.82 -23.33
C TYR A 275 4.06 -6.94 -22.11
N LEU A 276 3.52 -7.28 -20.94
CA LEU A 276 4.40 -7.34 -19.74
C LEU A 276 5.54 -8.25 -19.94
N LYS A 277 5.20 -9.52 -20.26
CA LYS A 277 6.29 -10.44 -20.42
C LYS A 277 7.09 -10.25 -21.74
N ASP A 278 6.39 -10.32 -22.89
CA ASP A 278 7.17 -10.32 -24.18
C ASP A 278 7.73 -8.97 -24.63
N THR A 279 7.14 -7.84 -24.19
CA THR A 279 7.61 -6.49 -24.68
C THR A 279 8.43 -5.84 -23.59
N LEU A 280 7.93 -5.82 -22.34
CA LEU A 280 8.73 -5.27 -21.27
C LEU A 280 9.79 -6.20 -20.78
N LYS A 281 9.75 -7.47 -21.22
CA LYS A 281 10.77 -8.41 -20.85
C LYS A 281 10.84 -8.72 -19.32
N PHE A 282 9.68 -8.63 -18.68
CA PHE A 282 9.53 -9.07 -17.29
C PHE A 282 9.82 -10.58 -17.10
N LYS A 283 10.80 -10.85 -16.23
CA LYS A 283 11.28 -12.18 -15.92
C LYS A 283 11.00 -12.65 -14.46
N GLY A 284 10.35 -11.80 -13.62
CA GLY A 284 9.98 -12.24 -12.28
C GLY A 284 8.62 -12.99 -12.47
N PHE A 285 7.81 -13.08 -11.44
CA PHE A 285 6.54 -13.79 -11.52
C PHE A 285 5.38 -12.89 -11.45
N VAL A 286 4.37 -13.30 -12.17
CA VAL A 286 3.06 -12.63 -12.15
C VAL A 286 2.06 -13.30 -11.26
N ILE A 287 1.45 -12.54 -10.28
CA ILE A 287 0.61 -13.14 -9.31
C ILE A 287 -0.79 -12.62 -9.52
N SER A 288 -1.83 -13.47 -9.30
CA SER A 288 -3.15 -12.91 -9.29
C SER A 288 -3.44 -12.09 -8.03
N ASP A 289 -4.57 -11.36 -8.06
CA ASP A 289 -5.15 -10.82 -6.80
C ASP A 289 -6.11 -11.92 -6.20
N TRP A 290 -6.60 -11.67 -5.00
CA TRP A 290 -7.36 -12.55 -4.10
C TRP A 290 -8.62 -12.97 -4.83
N GLU A 291 -8.71 -14.24 -5.17
CA GLU A 291 -9.89 -14.71 -5.98
C GLU A 291 -10.09 -13.88 -7.24
N GLY A 292 -8.97 -13.41 -7.77
CA GLY A 292 -9.05 -12.67 -8.99
C GLY A 292 -9.42 -13.53 -10.22
N ILE A 293 -9.06 -14.80 -10.24
CA ILE A 293 -9.43 -15.69 -11.34
C ILE A 293 -10.94 -16.07 -11.25
N ASP A 294 -11.47 -16.25 -10.05
CA ASP A 294 -12.88 -16.48 -9.80
C ASP A 294 -13.75 -15.38 -10.38
N ARG A 295 -13.28 -14.11 -10.26
CA ARG A 295 -13.96 -12.93 -10.74
C ARG A 295 -13.90 -12.67 -12.19
N ILE A 296 -13.19 -13.51 -12.93
CA ILE A 296 -13.24 -13.48 -14.44
C ILE A 296 -14.63 -13.67 -14.96
N THR A 297 -15.40 -14.52 -14.30
CA THR A 297 -16.73 -14.86 -14.73
C THR A 297 -17.73 -13.96 -14.00
N THR A 298 -18.93 -13.84 -14.57
CA THR A 298 -20.07 -13.25 -13.82
C THR A 298 -21.22 -14.29 -13.87
N PRO A 299 -21.80 -14.66 -12.73
CA PRO A 299 -21.22 -14.36 -11.40
C PRO A 299 -19.79 -14.95 -11.15
N ALA A 300 -19.18 -14.42 -10.10
CA ALA A 300 -17.78 -14.81 -9.81
C ALA A 300 -17.87 -16.25 -9.34
N GLY A 301 -16.94 -17.09 -9.74
CA GLY A 301 -16.90 -18.45 -9.22
C GLY A 301 -17.92 -19.39 -9.86
N SER A 302 -18.56 -18.96 -10.92
CA SER A 302 -19.56 -19.84 -11.54
C SER A 302 -18.92 -20.73 -12.59
N ASP A 303 -17.68 -20.53 -13.04
CA ASP A 303 -17.05 -21.61 -13.88
C ASP A 303 -15.55 -21.64 -13.56
N TYR A 304 -15.22 -22.31 -12.45
CA TYR A 304 -13.84 -22.27 -11.88
C TYR A 304 -12.90 -22.93 -12.81
N SER A 305 -13.38 -23.98 -13.44
CA SER A 305 -12.63 -24.58 -14.60
C SER A 305 -12.15 -23.58 -15.62
N TYR A 306 -13.07 -22.71 -16.06
CA TYR A 306 -12.70 -21.68 -17.01
C TYR A 306 -11.82 -20.63 -16.37
N SER A 307 -12.13 -20.20 -15.14
CA SER A 307 -11.21 -19.26 -14.44
C SER A 307 -9.79 -19.74 -14.52
N VAL A 308 -9.58 -21.03 -14.25
CA VAL A 308 -8.17 -21.62 -14.23
C VAL A 308 -7.55 -21.62 -15.58
N LYS A 309 -8.33 -22.13 -16.55
CA LYS A 309 -7.84 -22.11 -17.87
C LYS A 309 -7.48 -20.74 -18.40
N ALA A 310 -8.42 -19.82 -18.30
CA ALA A 310 -8.21 -18.47 -18.88
C ALA A 310 -7.03 -17.70 -18.27
N SER A 311 -6.89 -17.79 -16.94
CA SER A 311 -5.81 -17.10 -16.24
C SER A 311 -4.45 -17.65 -16.56
N ILE A 312 -4.29 -18.97 -16.43
CA ILE A 312 -3.02 -19.60 -16.69
C ILE A 312 -2.63 -19.45 -18.14
N LEU A 313 -3.61 -19.58 -19.06
CA LEU A 313 -3.26 -19.33 -20.50
C LEU A 313 -2.93 -17.85 -20.78
N ALA A 314 -3.55 -16.95 -20.05
CA ALA A 314 -3.22 -15.52 -20.17
C ALA A 314 -1.79 -15.20 -19.79
N GLY A 315 -1.17 -16.06 -18.96
CA GLY A 315 0.20 -15.84 -18.51
C GLY A 315 0.45 -15.65 -17.00
N LEU A 316 -0.57 -15.85 -16.17
CA LEU A 316 -0.37 -15.71 -14.75
C LEU A 316 0.48 -16.87 -14.32
N ASP A 317 1.34 -16.61 -13.31
CA ASP A 317 2.22 -17.62 -12.78
C ASP A 317 1.87 -18.23 -11.48
N MET A 318 1.43 -17.38 -10.53
CA MET A 318 1.12 -17.82 -9.22
C MET A 318 -0.28 -17.30 -8.90
N ILE A 319 -1.09 -18.19 -8.35
CA ILE A 319 -2.46 -17.89 -8.05
C ILE A 319 -2.70 -17.77 -6.51
N MET A 320 -3.17 -16.57 -6.16
CA MET A 320 -3.63 -16.26 -4.83
C MET A 320 -5.01 -16.87 -4.70
N VAL A 321 -5.09 -18.13 -4.26
CA VAL A 321 -6.30 -18.89 -4.33
C VAL A 321 -7.47 -18.23 -3.65
N PRO A 322 -7.40 -17.91 -2.35
CA PRO A 322 -6.29 -18.26 -1.47
C PRO A 322 -6.77 -19.44 -0.61
N ASN A 323 -8.08 -19.82 -0.64
CA ASN A 323 -8.60 -20.83 0.28
C ASN A 323 -8.77 -22.22 -0.31
N LYS A 324 -9.39 -22.31 -1.50
CA LYS A 324 -9.70 -23.59 -2.14
C LYS A 324 -8.61 -24.13 -2.99
N TYR A 325 -7.55 -24.51 -2.30
CA TYR A 325 -6.38 -24.98 -2.95
C TYR A 325 -6.57 -26.32 -3.58
N GLN A 326 -7.38 -27.15 -2.92
CA GLN A 326 -7.52 -28.53 -3.41
C GLN A 326 -8.20 -28.49 -4.85
N GLN A 327 -9.24 -27.73 -4.93
CA GLN A 327 -9.97 -27.50 -6.21
C GLN A 327 -9.07 -26.86 -7.26
N PHE A 328 -8.30 -25.84 -6.88
CA PHE A 328 -7.41 -25.21 -7.83
C PHE A 328 -6.46 -26.23 -8.35
N ILE A 329 -5.78 -26.92 -7.44
CA ILE A 329 -4.80 -27.93 -7.86
C ILE A 329 -5.40 -29.07 -8.75
N SER A 330 -6.55 -29.54 -8.41
CA SER A 330 -7.20 -30.63 -9.16
C SER A 330 -7.56 -30.16 -10.57
N ILE A 331 -8.13 -28.95 -10.66
CA ILE A 331 -8.57 -28.39 -11.95
C ILE A 331 -7.40 -28.15 -12.85
N LEU A 332 -6.33 -27.57 -12.28
CA LEU A 332 -5.21 -27.27 -13.16
C LEU A 332 -4.53 -28.57 -13.60
N THR A 333 -4.38 -29.55 -12.64
CA THR A 333 -3.85 -30.87 -12.98
C THR A 333 -4.61 -31.52 -14.20
N GLY A 334 -5.95 -31.50 -14.10
CA GLY A 334 -6.88 -32.06 -15.15
C GLY A 334 -6.62 -31.33 -16.45
N HIS A 335 -6.49 -30.00 -16.41
CA HIS A 335 -6.26 -29.23 -17.70
C HIS A 335 -4.93 -29.65 -18.35
N VAL A 336 -3.89 -29.85 -17.52
CA VAL A 336 -2.58 -30.23 -18.07
C VAL A 336 -2.64 -31.72 -18.63
N ASN A 337 -3.26 -32.54 -17.86
CA ASN A 337 -3.40 -34.00 -18.20
C ASN A 337 -4.28 -34.10 -19.48
N GLY A 338 -5.19 -33.21 -19.73
CA GLY A 338 -5.98 -33.20 -20.91
C GLY A 338 -5.38 -32.45 -22.08
N GLY A 339 -4.17 -31.87 -21.98
CA GLY A 339 -3.64 -31.10 -23.09
C GLY A 339 -4.16 -29.73 -23.35
N VAL A 340 -5.05 -29.27 -22.47
CA VAL A 340 -5.65 -27.95 -22.59
C VAL A 340 -4.69 -26.83 -22.18
N ILE A 341 -3.76 -27.13 -21.24
CA ILE A 341 -2.70 -26.18 -20.89
C ILE A 341 -1.44 -26.91 -21.13
N PRO A 342 -0.55 -26.38 -22.01
CA PRO A 342 0.63 -27.18 -22.30
C PRO A 342 1.68 -27.10 -21.10
N MET A 343 2.53 -28.07 -21.04
CA MET A 343 3.60 -28.11 -20.08
C MET A 343 4.53 -26.92 -20.22
N SER A 344 4.67 -26.37 -21.42
CA SER A 344 5.55 -25.25 -21.60
C SER A 344 5.06 -24.06 -20.71
N ARG A 345 3.73 -23.94 -20.57
CA ARG A 345 3.08 -22.87 -19.77
C ARG A 345 3.38 -23.09 -18.28
N ILE A 346 3.24 -24.31 -17.79
CA ILE A 346 3.54 -24.68 -16.43
C ILE A 346 4.99 -24.42 -16.13
N ASP A 347 5.82 -24.88 -17.03
CA ASP A 347 7.26 -24.74 -16.83
C ASP A 347 7.75 -23.24 -16.80
N ASP A 348 7.09 -22.37 -17.56
CA ASP A 348 7.43 -20.97 -17.63
C ASP A 348 7.03 -20.36 -16.22
N ALA A 349 5.87 -20.72 -15.71
CA ALA A 349 5.39 -20.21 -14.40
C ALA A 349 6.33 -20.60 -13.29
N VAL A 350 6.68 -21.88 -13.24
CA VAL A 350 7.56 -22.43 -12.24
C VAL A 350 8.98 -21.83 -12.43
N THR A 351 9.45 -21.64 -13.65
CA THR A 351 10.79 -21.06 -13.89
C THR A 351 10.81 -19.62 -13.19
N ARG A 352 9.80 -18.86 -13.43
CA ARG A 352 9.71 -17.49 -12.87
C ARG A 352 9.63 -17.48 -11.37
N ILE A 353 8.82 -18.39 -10.76
CA ILE A 353 8.69 -18.45 -9.35
C ILE A 353 10.01 -18.80 -8.66
N LEU A 354 10.65 -19.88 -9.15
CA LEU A 354 11.92 -20.28 -8.76
C LEU A 354 13.00 -19.21 -9.01
N ARG A 355 12.95 -18.53 -10.15
CA ARG A 355 13.90 -17.45 -10.41
C ARG A 355 13.87 -16.41 -9.21
N VAL A 356 12.66 -16.03 -8.79
CA VAL A 356 12.60 -15.03 -7.76
C VAL A 356 13.10 -15.56 -6.45
N LYS A 357 12.70 -16.81 -6.12
CA LYS A 357 13.12 -17.43 -4.89
C LYS A 357 14.65 -17.61 -4.74
N PHE A 358 15.26 -18.15 -5.77
CA PHE A 358 16.70 -18.22 -5.79
C PHE A 358 17.45 -16.83 -5.79
N THR A 359 16.99 -15.94 -6.63
CA THR A 359 17.56 -14.60 -6.73
C THR A 359 17.60 -13.91 -5.38
N MET A 360 16.51 -14.04 -4.62
CA MET A 360 16.39 -13.30 -3.37
C MET A 360 17.11 -13.91 -2.17
N GLY A 361 17.69 -15.03 -2.40
CA GLY A 361 18.32 -15.81 -1.36
C GLY A 361 17.55 -16.77 -0.54
N LEU A 362 16.29 -17.04 -0.90
CA LEU A 362 15.37 -17.80 -0.07
C LEU A 362 15.86 -19.21 0.19
N PHE A 363 16.57 -19.87 -0.77
CA PHE A 363 17.06 -21.19 -0.44
C PHE A 363 18.20 -21.12 0.55
N GLU A 364 18.90 -19.99 0.65
CA GLU A 364 20.02 -19.88 1.55
C GLU A 364 19.58 -19.42 2.93
N ASN A 365 18.54 -18.60 3.03
CA ASN A 365 18.00 -18.14 4.29
C ASN A 365 16.47 -18.30 4.31
N PRO A 366 16.06 -19.56 4.54
CA PRO A 366 14.63 -19.78 4.53
C PRO A 366 13.89 -19.40 5.75
N TYR A 367 14.68 -19.25 6.79
CA TYR A 367 14.16 -19.03 8.12
C TYR A 367 14.36 -17.60 8.63
N ALA A 368 13.52 -17.24 9.62
CA ALA A 368 13.58 -15.90 10.16
C ALA A 368 14.83 -15.63 11.00
N ASP A 369 15.24 -14.37 11.06
CA ASP A 369 16.32 -13.98 11.92
C ASP A 369 15.82 -13.35 13.21
N PRO A 370 15.94 -14.05 14.33
CA PRO A 370 15.39 -13.46 15.59
C PRO A 370 16.04 -12.18 15.95
N ALA A 371 17.25 -11.90 15.49
CA ALA A 371 17.83 -10.55 15.85
C ALA A 371 17.17 -9.40 15.18
N MET A 372 16.28 -9.67 14.21
CA MET A 372 15.64 -8.61 13.43
C MET A 372 14.33 -8.19 14.16
N ALA A 373 13.85 -8.98 15.13
CA ALA A 373 12.56 -8.71 15.69
C ALA A 373 12.45 -7.30 16.25
N GLU A 374 13.58 -6.81 16.80
CA GLU A 374 13.67 -5.51 17.55
C GLU A 374 13.63 -4.36 16.51
N GLN A 375 13.67 -4.64 15.19
CA GLN A 375 13.39 -3.59 14.22
C GLN A 375 11.97 -3.07 14.16
N LEU A 376 10.98 -3.86 14.57
CA LEU A 376 9.65 -3.45 14.62
C LEU A 376 9.40 -2.21 15.43
N GLY A 377 8.77 -1.21 14.82
CA GLY A 377 8.47 0.00 15.57
C GLY A 377 9.63 0.78 16.07
N LYS A 378 10.81 0.56 15.52
CA LYS A 378 12.00 1.29 15.98
C LYS A 378 11.87 2.80 15.91
N GLN A 379 12.38 3.50 16.87
CA GLN A 379 12.31 4.96 16.91
C GLN A 379 12.88 5.65 15.66
N GLU A 380 13.94 5.17 15.08
CA GLU A 380 14.54 5.82 13.90
C GLU A 380 13.50 5.74 12.72
N HIS A 381 12.68 4.68 12.68
CA HIS A 381 11.64 4.52 11.69
C HIS A 381 10.40 5.40 12.01
N ARG A 382 10.10 5.59 13.27
CA ARG A 382 9.10 6.49 13.67
C ARG A 382 9.50 7.97 13.30
N ASP A 383 10.74 8.33 13.52
CA ASP A 383 11.26 9.60 13.16
C ASP A 383 11.12 9.85 11.64
N LEU A 384 11.40 8.82 10.84
CA LEU A 384 11.20 8.90 9.39
C LEU A 384 9.70 9.06 9.03
N ALA A 385 8.81 8.30 9.65
CA ALA A 385 7.41 8.43 9.35
C ALA A 385 6.92 9.81 9.77
N ARG A 386 7.48 10.33 10.86
CA ARG A 386 7.13 11.69 11.34
C ARG A 386 7.54 12.77 10.33
N GLU A 387 8.78 12.68 9.81
CA GLU A 387 9.28 13.57 8.76
C GLU A 387 8.30 13.44 7.56
N ALA A 388 7.93 12.22 7.15
CA ALA A 388 7.04 11.99 5.95
C ALA A 388 5.65 12.58 6.21
N ALA A 389 5.14 12.41 7.42
CA ALA A 389 3.82 12.94 7.76
C ALA A 389 3.88 14.48 7.62
N ARG A 390 4.91 15.09 8.17
CA ARG A 390 5.02 16.56 8.14
C ARG A 390 5.13 17.07 6.68
N LYS A 391 5.91 16.34 5.89
CA LYS A 391 6.17 16.75 4.49
C LYS A 391 4.96 16.59 3.62
N SER A 392 4.08 15.68 4.00
CA SER A 392 2.87 15.40 3.25
C SER A 392 1.78 16.42 3.38
N LEU A 393 1.78 17.20 4.45
CA LEU A 393 0.68 18.12 4.76
C LEU A 393 0.60 19.20 3.74
N VAL A 394 -0.60 19.47 3.27
CA VAL A 394 -0.79 20.62 2.35
C VAL A 394 -1.62 21.72 2.98
N LEU A 395 -1.04 22.90 3.10
CA LEU A 395 -1.71 24.03 3.66
C LEU A 395 -2.53 24.66 2.58
N LEU A 396 -3.86 24.66 2.81
CA LEU A 396 -4.80 25.17 1.85
C LEU A 396 -5.19 26.60 2.16
N LYS A 397 -5.20 27.00 3.42
CA LYS A 397 -5.71 28.36 3.78
C LYS A 397 -4.96 28.67 5.02
N ASN A 398 -4.53 29.91 5.20
CA ASN A 398 -3.86 30.33 6.41
C ASN A 398 -4.22 31.83 6.68
N GLY A 399 -5.48 32.08 6.96
CA GLY A 399 -6.11 33.43 7.14
C GLY A 399 -7.37 33.57 6.29
N LYS A 400 -8.38 34.17 6.89
CA LYS A 400 -9.67 34.42 6.11
C LYS A 400 -9.64 35.53 5.13
N THR A 401 -8.80 36.50 5.36
CA THR A 401 -8.70 37.56 4.37
C THR A 401 -7.23 37.63 4.23
N SER A 402 -6.86 38.26 3.20
CA SER A 402 -5.53 38.48 2.88
C SER A 402 -4.88 39.48 3.82
N THR A 403 -5.66 40.15 4.65
CA THR A 403 -5.14 41.10 5.59
C THR A 403 -5.03 40.63 7.07
N ASP A 404 -5.64 39.49 7.36
CA ASP A 404 -5.53 38.87 8.67
C ASP A 404 -4.08 38.48 8.96
N ALA A 405 -3.75 38.50 10.23
CA ALA A 405 -2.52 37.92 10.73
C ALA A 405 -2.57 36.37 10.34
N PRO A 406 -1.54 35.82 9.72
CA PRO A 406 -1.56 34.38 9.47
C PRO A 406 -1.68 33.55 10.79
N LEU A 407 -2.64 32.66 10.84
CA LEU A 407 -2.80 31.84 12.06
C LEU A 407 -1.62 30.90 12.32
N LEU A 408 -1.16 30.21 11.27
CA LEU A 408 -0.08 29.32 11.39
C LEU A 408 1.26 30.02 11.02
N PRO A 409 2.29 29.77 11.77
CA PRO A 409 2.33 28.83 12.90
C PRO A 409 1.86 29.37 14.22
N LEU A 410 1.25 28.47 14.98
CA LEU A 410 0.68 28.75 16.26
C LEU A 410 1.81 28.85 17.28
N PRO A 411 1.60 29.67 18.36
CA PRO A 411 2.53 29.67 19.45
C PRO A 411 2.36 28.50 20.40
N LYS A 412 3.49 27.99 20.89
CA LYS A 412 3.53 26.84 21.85
C LYS A 412 3.16 27.25 23.27
N LYS A 413 3.24 28.56 23.51
CA LYS A 413 2.90 29.12 24.85
C LYS A 413 1.62 29.98 24.74
N ALA A 414 0.59 29.57 25.45
CA ALA A 414 -0.66 30.28 25.54
C ALA A 414 -1.36 29.81 26.78
N PRO A 415 -2.25 30.63 27.34
CA PRO A 415 -2.73 30.19 28.63
C PRO A 415 -3.65 28.94 28.54
N LYS A 416 -4.45 28.81 27.49
CA LYS A 416 -5.39 27.75 27.38
C LYS A 416 -5.73 27.53 25.93
N ILE A 417 -5.62 26.28 25.41
CA ILE A 417 -5.99 25.99 24.02
C ILE A 417 -6.98 24.80 23.92
N LEU A 418 -7.72 24.71 22.82
CA LEU A 418 -8.71 23.62 22.66
C LEU A 418 -8.26 22.74 21.48
N VAL A 419 -8.33 21.45 21.69
CA VAL A 419 -8.12 20.46 20.70
C VAL A 419 -9.50 19.76 20.64
N ALA A 420 -10.00 19.67 19.42
CA ALA A 420 -11.40 19.19 19.26
C ALA A 420 -11.51 18.36 17.99
N GLY A 421 -12.62 17.62 17.87
CA GLY A 421 -13.01 16.98 16.68
C GLY A 421 -12.84 15.42 16.79
N SER A 422 -13.62 14.69 16.00
CA SER A 422 -13.64 13.23 15.92
C SER A 422 -12.28 12.62 15.53
N HIS A 423 -11.39 13.40 14.92
CA HIS A 423 -10.09 12.87 14.47
C HIS A 423 -8.96 13.39 15.27
N ALA A 424 -9.19 14.23 16.29
CA ALA A 424 -8.07 14.68 17.12
C ALA A 424 -7.42 13.70 18.01
N ASP A 425 -8.16 12.73 18.52
CA ASP A 425 -7.63 11.71 19.35
C ASP A 425 -8.09 10.35 18.96
N ASN A 426 -7.72 9.91 17.77
CA ASN A 426 -8.19 8.62 17.28
C ASN A 426 -7.12 8.10 16.27
N LEU A 427 -6.32 7.25 16.78
CA LEU A 427 -5.13 6.74 16.06
C LEU A 427 -5.57 5.96 14.85
N GLY A 428 -6.57 5.11 15.02
CA GLY A 428 -7.12 4.41 13.86
C GLY A 428 -7.58 5.29 12.73
N TYR A 429 -8.33 6.36 13.03
CA TYR A 429 -8.73 7.31 12.01
C TYR A 429 -7.59 7.97 11.31
N GLN A 430 -6.57 8.27 12.05
CA GLN A 430 -5.44 8.93 11.38
C GLN A 430 -4.53 8.02 10.54
N CYS A 431 -4.64 6.73 10.69
CA CYS A 431 -3.97 5.69 9.88
C CYS A 431 -4.81 5.29 8.68
N GLY A 432 -6.13 5.29 8.81
CA GLY A 432 -6.95 4.82 7.63
C GLY A 432 -6.89 3.32 7.43
N GLY A 433 -7.33 2.94 6.22
CA GLY A 433 -7.43 1.52 5.86
C GLY A 433 -6.05 0.83 5.83
N TRP A 434 -6.10 -0.48 5.77
CA TRP A 434 -4.93 -1.34 5.82
C TRP A 434 -4.10 -0.96 7.02
N THR A 435 -4.73 -0.99 8.19
CA THR A 435 -4.00 -0.74 9.43
C THR A 435 -4.65 -1.64 10.52
N ILE A 436 -3.96 -2.71 10.85
CA ILE A 436 -4.32 -3.73 11.80
C ILE A 436 -5.42 -4.64 11.24
N GLU A 437 -6.55 -4.06 10.83
CA GLU A 437 -7.59 -4.79 10.09
C GLU A 437 -7.49 -4.45 8.63
N TRP A 438 -8.08 -5.26 7.75
CA TRP A 438 -8.24 -4.89 6.35
C TRP A 438 -8.83 -3.45 6.06
N GLN A 439 -9.97 -3.16 6.71
CA GLN A 439 -10.71 -1.88 6.62
C GLN A 439 -10.17 -0.79 7.49
N GLY A 440 -9.02 -1.00 8.13
CA GLY A 440 -8.71 -0.24 9.33
C GLY A 440 -9.74 -0.27 10.40
N ASP A 441 -9.62 0.65 11.37
CA ASP A 441 -10.43 0.52 12.55
C ASP A 441 -10.39 1.85 13.31
N THR A 442 -11.11 1.90 14.42
CA THR A 442 -11.27 3.13 15.21
C THR A 442 -10.56 2.98 16.50
N GLY A 443 -9.95 4.01 16.95
CA GLY A 443 -9.36 4.02 18.26
C GLY A 443 -7.88 3.69 18.36
N ARG A 444 -7.45 3.25 19.53
CA ARG A 444 -6.07 2.98 19.87
C ARG A 444 -5.71 1.53 19.45
N THR A 445 -5.58 1.29 18.16
CA THR A 445 -5.40 -0.03 17.56
C THR A 445 -3.96 -0.53 17.59
N THR A 446 -3.03 0.43 17.76
CA THR A 446 -1.63 0.11 17.70
C THR A 446 -0.83 1.15 18.47
N VAL A 447 0.46 1.13 18.34
CA VAL A 447 1.32 2.08 19.08
C VAL A 447 1.54 3.31 18.25
N GLY A 448 1.30 4.49 18.83
CA GLY A 448 1.46 5.68 18.08
C GLY A 448 1.13 6.90 18.86
N THR A 449 1.05 8.05 18.18
CA THR A 449 0.81 9.37 18.83
C THR A 449 -0.35 10.05 18.10
N THR A 450 -1.48 10.27 18.79
CA THR A 450 -2.62 10.99 18.17
C THR A 450 -2.31 12.50 18.08
N ILE A 451 -3.15 13.25 17.41
CA ILE A 451 -2.97 14.67 17.25
C ILE A 451 -2.99 15.34 18.64
N LEU A 452 -3.93 14.94 19.43
CA LEU A 452 -4.00 15.40 20.83
C LEU A 452 -2.73 15.15 21.66
N GLU A 453 -2.27 13.94 21.59
CA GLU A 453 -1.04 13.54 22.27
C GLU A 453 0.12 14.36 21.78
N ALA A 454 0.18 14.56 20.47
CA ALA A 454 1.28 15.35 19.89
C ALA A 454 1.23 16.85 20.35
N VAL A 455 0.03 17.41 20.44
CA VAL A 455 -0.16 18.74 20.98
C VAL A 455 0.39 18.84 22.38
N LYS A 456 -0.01 17.88 23.20
CA LYS A 456 0.37 17.96 24.58
C LYS A 456 1.92 17.78 24.74
N ALA A 457 2.52 16.99 23.83
CA ALA A 457 3.98 16.81 23.79
C ALA A 457 4.72 18.00 23.29
N ALA A 458 4.05 18.89 22.55
CA ALA A 458 4.70 20.01 21.90
C ALA A 458 4.66 21.29 22.72
N VAL A 459 3.55 21.55 23.39
CA VAL A 459 3.33 22.86 23.98
C VAL A 459 4.21 23.13 25.23
N ASP A 460 4.31 24.40 25.57
CA ASP A 460 4.99 24.92 26.71
C ASP A 460 4.26 24.30 27.95
N PRO A 461 5.04 24.05 28.96
CA PRO A 461 4.44 23.48 30.17
C PRO A 461 3.34 24.31 30.84
N SER A 462 3.39 25.61 30.64
CA SER A 462 2.33 26.51 31.14
C SER A 462 1.05 26.47 30.29
N THR A 463 1.07 25.83 29.12
CA THR A 463 -0.09 25.88 28.26
C THR A 463 -1.05 24.82 28.72
N VAL A 464 -2.27 25.17 29.02
CA VAL A 464 -3.31 24.20 29.44
C VAL A 464 -4.00 23.70 28.15
N VAL A 465 -4.10 22.36 27.96
CA VAL A 465 -4.62 21.80 26.73
C VAL A 465 -5.97 21.20 27.15
N VAL A 466 -7.04 21.67 26.58
CA VAL A 466 -8.40 21.07 26.89
C VAL A 466 -8.78 20.25 25.67
N PHE A 467 -9.22 19.01 25.88
CA PHE A 467 -9.83 18.22 24.74
C PHE A 467 -11.36 18.14 24.85
N ALA A 468 -12.08 18.41 23.79
CA ALA A 468 -13.49 18.09 23.74
C ALA A 468 -13.77 17.59 22.33
N GLU A 469 -14.35 16.44 22.21
CA GLU A 469 -14.55 15.86 20.89
C GLU A 469 -15.45 16.62 19.98
N ASN A 470 -16.59 17.04 20.53
CA ASN A 470 -17.67 17.70 19.79
C ASN A 470 -18.27 18.83 20.67
N PRO A 471 -17.49 19.85 21.06
CA PRO A 471 -18.02 20.95 21.87
C PRO A 471 -19.09 21.81 21.13
N ASP A 472 -20.06 22.34 21.88
CA ASP A 472 -21.02 23.28 21.30
C ASP A 472 -20.40 24.69 21.30
N ALA A 473 -21.13 25.59 20.66
CA ALA A 473 -20.57 26.94 20.42
C ALA A 473 -20.39 27.66 21.77
N GLU A 474 -21.28 27.45 22.71
CA GLU A 474 -21.12 28.12 24.05
C GLU A 474 -19.95 27.66 24.85
N PHE A 475 -19.70 26.35 24.78
CA PHE A 475 -18.54 25.77 25.42
C PHE A 475 -17.26 26.49 24.94
N VAL A 476 -17.17 26.69 23.62
CA VAL A 476 -15.98 27.32 23.09
C VAL A 476 -15.90 28.80 23.47
N LYS A 477 -17.04 29.48 23.35
CA LYS A 477 -17.03 30.96 23.65
C LYS A 477 -16.76 31.30 25.05
N SER A 478 -17.12 30.40 25.93
CA SER A 478 -16.93 30.56 27.40
C SER A 478 -15.62 30.05 27.88
N GLY A 479 -14.85 29.38 27.03
CA GLY A 479 -13.73 28.61 27.53
C GLY A 479 -12.42 29.35 27.81
N GLY A 480 -12.27 30.59 27.36
CA GLY A 480 -11.03 31.32 27.62
C GLY A 480 -9.88 30.79 26.74
N PHE A 481 -10.25 30.29 25.56
CA PHE A 481 -9.22 29.71 24.61
C PHE A 481 -8.44 30.74 23.80
N SER A 482 -7.12 30.56 23.60
CA SER A 482 -6.35 31.37 22.66
C SER A 482 -6.58 31.01 21.22
N TYR A 483 -6.77 29.71 20.96
CA TYR A 483 -7.00 29.19 19.63
C TYR A 483 -7.48 27.73 19.78
N ALA A 484 -7.87 27.12 18.67
CA ALA A 484 -8.26 25.72 18.73
C ALA A 484 -7.59 25.04 17.55
N ILE A 485 -7.33 23.74 17.74
CA ILE A 485 -6.97 22.82 16.63
C ILE A 485 -8.10 21.84 16.54
N VAL A 486 -8.72 21.78 15.37
CA VAL A 486 -9.91 20.91 15.19
C VAL A 486 -9.63 19.97 14.03
N ALA A 487 -9.76 18.66 14.30
CA ALA A 487 -9.46 17.64 13.33
C ALA A 487 -10.65 16.77 13.05
N VAL A 488 -10.99 16.58 11.77
CA VAL A 488 -12.21 15.90 11.32
C VAL A 488 -11.89 15.26 9.97
N GLY A 489 -12.80 14.46 9.48
CA GLY A 489 -12.56 13.86 8.15
C GLY A 489 -13.21 12.49 7.90
N GLU A 490 -12.62 11.74 6.96
CA GLU A 490 -13.11 10.38 6.58
C GLU A 490 -12.82 9.36 7.59
N HIS A 491 -13.67 8.39 7.65
CA HIS A 491 -13.41 7.14 8.42
C HIS A 491 -12.54 6.16 7.60
N PRO A 492 -11.89 5.19 8.23
CA PRO A 492 -11.10 4.25 7.46
C PRO A 492 -11.93 3.48 6.46
N TYR A 493 -11.33 3.20 5.37
CA TYR A 493 -11.94 2.32 4.37
C TYR A 493 -10.89 1.72 3.47
N THR A 494 -11.29 0.65 2.81
CA THR A 494 -10.41 -0.08 1.90
C THR A 494 -11.17 -0.71 0.75
N GLU A 495 -10.59 -0.63 -0.42
CA GLU A 495 -11.21 -1.24 -1.63
C GLU A 495 -12.69 -0.77 -1.82
N THR A 496 -13.61 -1.67 -2.19
CA THR A 496 -14.98 -1.20 -2.70
C THR A 496 -15.78 -0.49 -1.62
N LYS A 497 -15.53 -0.79 -0.35
CA LYS A 497 -16.17 -0.04 0.70
C LYS A 497 -15.87 1.46 0.57
N GLY A 498 -14.68 1.84 0.12
CA GLY A 498 -14.40 3.25 0.06
C GLY A 498 -14.94 4.02 -1.16
N ASP A 499 -15.42 3.26 -2.13
CA ASP A 499 -16.03 3.90 -3.34
C ASP A 499 -17.18 4.83 -2.75
N ASN A 500 -17.18 6.09 -3.15
CA ASN A 500 -18.06 7.07 -2.62
C ASN A 500 -18.34 8.10 -3.72
N LEU A 501 -19.63 8.21 -4.07
CA LEU A 501 -20.11 9.14 -5.10
C LEU A 501 -20.30 10.60 -4.63
N ASN A 502 -20.41 10.86 -3.33
CA ASN A 502 -20.66 12.20 -2.79
C ASN A 502 -19.45 12.85 -2.15
N LEU A 503 -18.50 12.10 -1.60
CA LEU A 503 -17.24 12.69 -1.16
C LEU A 503 -17.47 13.83 -0.13
N THR A 504 -18.47 13.64 0.71
CA THR A 504 -18.78 14.54 1.81
C THR A 504 -18.40 13.86 3.10
N ILE A 505 -17.69 14.58 3.94
CA ILE A 505 -17.28 13.94 5.18
C ILE A 505 -18.41 13.64 6.14
N PRO A 506 -18.26 12.58 6.95
CA PRO A 506 -19.35 12.27 7.89
C PRO A 506 -19.52 13.34 8.90
N GLU A 507 -20.73 13.54 9.29
CA GLU A 507 -21.08 14.34 10.44
C GLU A 507 -20.95 13.51 11.71
N PRO A 508 -20.69 14.14 12.85
CA PRO A 508 -20.38 15.56 12.98
C PRO A 508 -18.85 15.71 12.59
N GLY A 509 -18.66 16.75 11.87
CA GLY A 509 -17.40 17.05 11.26
C GLY A 509 -17.48 18.54 11.03
N LEU A 510 -18.18 18.93 9.94
CA LEU A 510 -18.46 20.30 9.64
C LEU A 510 -19.12 21.04 10.80
N SER A 511 -20.13 20.44 11.41
CA SER A 511 -20.81 21.10 12.52
C SER A 511 -19.85 21.45 13.69
N THR A 512 -18.90 20.55 14.00
CA THR A 512 -17.88 20.85 15.08
C THR A 512 -16.94 21.98 14.66
N VAL A 513 -16.49 21.92 13.42
CA VAL A 513 -15.61 22.99 12.84
C VAL A 513 -16.35 24.32 13.00
N GLN A 514 -17.59 24.35 12.59
CA GLN A 514 -18.39 25.57 12.71
C GLN A 514 -18.57 26.07 14.09
N ALA A 515 -18.85 25.19 15.00
CA ALA A 515 -18.97 25.56 16.40
C ALA A 515 -17.71 26.05 17.02
N VAL A 516 -16.61 25.38 16.74
CA VAL A 516 -15.29 25.76 17.29
C VAL A 516 -14.83 27.03 16.68
N CYS A 517 -14.85 27.09 15.35
CA CYS A 517 -14.28 28.26 14.65
C CYS A 517 -15.18 29.56 14.88
N GLY A 518 -16.45 29.39 15.04
CA GLY A 518 -17.29 30.48 15.37
C GLY A 518 -16.95 31.12 16.72
N GLY A 519 -16.32 30.39 17.64
CA GLY A 519 -15.89 30.95 18.94
C GLY A 519 -14.50 31.43 19.17
N VAL A 520 -13.56 30.90 18.39
CA VAL A 520 -12.16 31.16 18.53
C VAL A 520 -11.43 30.84 17.30
N ARG A 521 -10.31 31.54 17.09
CA ARG A 521 -9.51 31.36 15.86
C ARG A 521 -9.09 29.86 15.82
N CYS A 522 -9.15 29.27 14.65
CA CYS A 522 -9.04 27.83 14.52
C CYS A 522 -8.20 27.38 13.32
N ALA A 523 -7.41 26.37 13.58
CA ALA A 523 -6.76 25.61 12.51
C ALA A 523 -7.44 24.22 12.36
N THR A 524 -7.98 23.93 11.19
CA THR A 524 -8.73 22.72 10.94
C THR A 524 -7.75 21.74 10.27
N VAL A 525 -7.67 20.53 10.75
CA VAL A 525 -6.84 19.48 10.15
C VAL A 525 -7.81 18.46 9.59
N LEU A 526 -7.77 18.36 8.29
CA LEU A 526 -8.65 17.52 7.56
C LEU A 526 -7.91 16.16 7.26
N ILE A 527 -8.47 15.05 7.79
CA ILE A 527 -7.89 13.73 7.58
C ILE A 527 -8.74 13.05 6.51
N SER A 528 -8.12 12.71 5.37
CA SER A 528 -8.89 12.09 4.27
C SER A 528 -7.95 11.30 3.40
N GLY A 529 -8.54 10.42 2.58
CA GLY A 529 -7.73 9.67 1.62
C GLY A 529 -7.68 10.28 0.21
N ARG A 530 -8.24 11.46 0.09
CA ARG A 530 -8.53 12.07 -1.19
C ARG A 530 -9.14 13.45 -0.96
N PRO A 531 -9.18 14.27 -2.01
CA PRO A 531 -10.00 15.49 -1.90
C PRO A 531 -11.47 15.12 -1.60
N VAL A 532 -12.11 15.96 -0.79
CA VAL A 532 -13.47 15.83 -0.39
C VAL A 532 -14.08 17.26 -0.44
N VAL A 533 -15.41 17.32 -0.46
CA VAL A 533 -16.09 18.60 -0.51
C VAL A 533 -15.54 19.41 0.63
N VAL A 534 -14.92 20.56 0.31
CA VAL A 534 -14.23 21.35 1.30
C VAL A 534 -14.63 22.85 1.46
N GLN A 535 -15.46 23.43 0.53
CA GLN A 535 -15.79 24.84 0.63
C GLN A 535 -16.43 25.24 2.00
N PRO A 536 -17.33 24.40 2.58
CA PRO A 536 -17.91 24.76 3.92
C PRO A 536 -16.89 24.73 5.01
N LEU A 537 -15.94 23.79 4.96
CA LEU A 537 -14.91 23.72 5.96
C LEU A 537 -13.94 24.93 5.83
N LEU A 538 -13.62 25.24 4.58
CA LEU A 538 -12.82 26.45 4.29
C LEU A 538 -13.50 27.75 4.81
N ALA A 539 -14.81 27.88 4.62
CA ALA A 539 -15.47 29.17 4.93
C ALA A 539 -15.47 29.37 6.43
N ALA A 540 -15.58 28.30 7.20
CA ALA A 540 -15.56 28.40 8.65
C ALA A 540 -14.16 28.69 9.29
N SER A 541 -13.11 28.29 8.60
CA SER A 541 -11.81 28.08 9.21
C SER A 541 -10.83 29.26 8.90
N ASP A 542 -10.07 29.63 9.89
CA ASP A 542 -8.92 30.54 9.73
C ASP A 542 -7.81 29.89 8.98
N ALA A 543 -7.42 28.65 9.31
CA ALA A 543 -6.49 27.90 8.53
C ALA A 543 -6.99 26.50 8.32
N LEU A 544 -6.56 25.87 7.23
CA LEU A 544 -6.96 24.49 7.01
C LEU A 544 -5.87 23.77 6.32
N VAL A 545 -5.59 22.58 6.83
CA VAL A 545 -4.53 21.68 6.37
C VAL A 545 -5.09 20.38 5.85
N ALA A 546 -4.70 20.01 4.63
CA ALA A 546 -4.98 18.64 4.16
C ALA A 546 -3.90 17.69 4.64
N ALA A 547 -4.19 16.86 5.68
CA ALA A 547 -3.17 16.03 6.24
C ALA A 547 -3.20 14.56 5.67
N TRP A 548 -4.17 14.23 4.82
CA TRP A 548 -4.29 12.95 4.18
C TRP A 548 -4.46 11.90 5.29
N LEU A 549 -3.79 10.76 5.22
CA LEU A 549 -3.88 9.64 6.26
C LEU A 549 -2.40 9.53 6.73
N PRO A 550 -2.06 10.30 7.73
CA PRO A 550 -0.54 10.51 8.00
C PRO A 550 0.08 9.42 8.84
N GLY A 551 -0.73 8.51 9.35
CA GLY A 551 -0.18 7.28 10.00
C GLY A 551 -0.03 7.37 11.51
N SER A 552 0.94 6.62 12.04
CA SER A 552 1.03 6.54 13.52
C SER A 552 1.63 7.79 14.21
N GLU A 553 2.46 8.51 13.50
CA GLU A 553 3.25 9.62 14.04
C GLU A 553 2.64 10.97 13.96
N GLY A 554 1.68 11.21 14.87
CA GLY A 554 0.91 12.44 14.79
C GLY A 554 1.72 13.71 15.06
N GLN A 555 2.91 13.57 15.63
CA GLN A 555 3.81 14.69 15.81
C GLN A 555 4.25 15.30 14.52
N GLY A 556 4.15 14.57 13.42
CA GLY A 556 4.37 15.23 12.10
C GLY A 556 3.41 16.39 11.82
N VAL A 557 2.15 16.22 12.26
CA VAL A 557 1.17 17.23 12.17
C VAL A 557 1.57 18.46 13.01
N THR A 558 1.92 18.31 14.28
CA THR A 558 2.18 19.45 15.11
C THR A 558 3.53 20.04 14.81
N ASP A 559 4.41 19.25 14.21
CA ASP A 559 5.73 19.83 13.78
C ASP A 559 5.53 21.04 12.84
N ALA A 560 4.51 20.96 11.95
CA ALA A 560 4.20 22.05 11.08
C ALA A 560 3.21 23.10 11.71
N LEU A 561 2.24 22.66 12.49
CA LEU A 561 1.31 23.56 13.18
C LEU A 561 2.03 24.56 14.07
N PHE A 562 3.07 24.15 14.81
CA PHE A 562 3.75 24.98 15.73
C PHE A 562 5.05 25.55 15.19
N GLY A 563 5.28 25.34 13.91
CA GLY A 563 6.34 26.04 13.18
C GLY A 563 7.78 25.51 13.46
N ASP A 564 7.93 24.33 14.01
CA ASP A 564 9.23 23.63 13.99
C ASP A 564 9.70 23.43 12.52
N PHE A 565 8.81 23.23 11.59
CA PHE A 565 9.20 23.18 10.16
C PHE A 565 8.17 23.93 9.42
N GLY A 566 8.53 24.49 8.26
CA GLY A 566 7.56 25.11 7.40
C GLY A 566 6.70 24.12 6.65
N PHE A 567 5.51 24.50 6.29
CA PHE A 567 4.65 23.70 5.32
C PHE A 567 5.24 23.69 3.94
N THR A 568 5.39 22.51 3.36
CA THR A 568 6.01 22.37 2.00
C THR A 568 5.22 21.53 1.11
N GLY A 569 4.28 20.78 1.62
CA GLY A 569 3.51 19.87 0.72
C GLY A 569 2.69 20.58 -0.36
N ARG A 570 2.62 19.91 -1.51
CA ARG A 570 1.86 20.36 -2.68
C ARG A 570 0.83 19.33 -3.15
N LEU A 571 -0.36 19.77 -3.48
CA LEU A 571 -1.39 18.84 -3.87
C LEU A 571 -0.89 17.91 -4.96
N PRO A 572 -1.06 16.58 -4.79
CA PRO A 572 -0.67 15.65 -5.83
C PRO A 572 -1.85 15.27 -6.71
N ARG A 573 -2.99 15.86 -6.46
CA ARG A 573 -4.24 15.60 -7.18
C ARG A 573 -4.94 16.94 -7.30
N THR A 574 -5.84 17.00 -8.26
CA THR A 574 -6.79 18.06 -8.35
C THR A 574 -7.81 18.12 -7.25
N TRP A 575 -8.01 19.29 -6.66
CA TRP A 575 -9.14 19.46 -5.75
C TRP A 575 -10.33 20.04 -6.56
N PHE A 576 -11.41 19.30 -6.62
CA PHE A 576 -12.55 19.61 -7.38
C PHE A 576 -13.41 20.62 -6.65
N LYS A 577 -14.19 21.37 -7.44
CA LYS A 577 -15.23 22.20 -6.85
C LYS A 577 -16.52 21.40 -6.45
N SER A 578 -16.85 20.42 -7.25
CA SER A 578 -18.10 19.68 -7.09
C SER A 578 -17.84 18.28 -7.67
N VAL A 579 -18.49 17.27 -7.09
CA VAL A 579 -18.35 15.93 -7.60
C VAL A 579 -18.99 15.75 -9.00
N ASP A 580 -19.96 16.56 -9.34
CA ASP A 580 -20.53 16.58 -10.72
C ASP A 580 -19.49 16.95 -11.71
N GLN A 581 -18.43 17.60 -11.34
CA GLN A 581 -17.36 17.77 -12.33
C GLN A 581 -16.60 16.51 -12.71
N LEU A 582 -16.68 15.44 -11.90
CA LEU A 582 -15.71 14.36 -12.04
C LEU A 582 -16.10 13.41 -13.23
N PRO A 583 -15.16 12.83 -13.93
CA PRO A 583 -13.74 12.93 -13.61
C PRO A 583 -13.20 14.23 -14.13
N MET A 584 -12.20 14.80 -13.47
CA MET A 584 -11.56 16.07 -13.91
C MET A 584 -10.08 16.07 -13.56
N ASN A 585 -9.22 16.01 -14.58
CA ASN A 585 -7.76 15.98 -14.30
C ASN A 585 -6.96 17.07 -14.96
N VAL A 586 -5.79 17.37 -14.32
CA VAL A 586 -4.82 18.43 -14.82
C VAL A 586 -4.64 18.09 -16.30
N GLY A 587 -5.17 18.91 -17.18
CA GLY A 587 -5.24 18.52 -18.56
C GLY A 587 -6.50 18.63 -19.28
N ASP A 588 -7.66 18.37 -18.70
CA ASP A 588 -8.89 18.31 -19.59
C ASP A 588 -9.26 19.66 -20.04
N ALA A 589 -10.30 19.69 -20.85
CA ALA A 589 -10.77 20.94 -21.35
C ALA A 589 -11.68 21.68 -20.33
N HIS A 590 -12.51 20.96 -19.60
CA HIS A 590 -13.42 21.61 -18.66
C HIS A 590 -12.69 21.81 -17.27
N TYR A 591 -11.34 21.97 -17.28
CA TYR A 591 -10.50 22.02 -16.06
C TYR A 591 -10.76 23.25 -15.20
N ASP A 592 -11.65 23.07 -14.23
CA ASP A 592 -12.11 24.19 -13.36
C ASP A 592 -11.99 23.73 -11.85
N PRO A 593 -10.76 23.70 -11.35
CA PRO A 593 -10.50 23.18 -10.00
C PRO A 593 -10.77 24.24 -8.96
N LEU A 594 -11.06 23.77 -7.76
CA LEU A 594 -10.98 24.63 -6.56
C LEU A 594 -9.50 24.93 -6.24
N PHE A 595 -8.65 23.90 -6.28
CA PHE A 595 -7.21 24.05 -6.14
C PHE A 595 -6.60 23.15 -7.15
N ARG A 596 -5.68 23.70 -7.92
CA ARG A 596 -5.11 22.88 -9.02
C ARG A 596 -4.01 21.93 -8.43
N LEU A 597 -3.67 20.88 -9.17
CA LEU A 597 -2.54 20.08 -8.88
C LEU A 597 -1.32 20.91 -8.70
N GLY A 598 -0.47 20.62 -7.70
CA GLY A 598 0.67 21.47 -7.38
C GLY A 598 0.42 22.66 -6.42
N TYR A 599 -0.81 22.94 -6.06
CA TYR A 599 -1.09 24.06 -5.14
C TYR A 599 -0.63 23.73 -3.72
N GLY A 600 -0.12 24.69 -3.01
CA GLY A 600 0.08 24.48 -1.55
C GLY A 600 0.69 25.79 -1.01
N LEU A 601 0.12 26.33 0.01
CA LEU A 601 0.72 27.50 0.68
C LEU A 601 1.92 27.08 1.50
N THR A 602 2.81 28.01 1.78
CA THR A 602 3.97 27.72 2.61
C THR A 602 4.02 28.58 3.91
N THR A 603 4.82 28.14 4.86
CA THR A 603 5.19 28.88 6.04
C THR A 603 6.63 28.74 6.16
N ASN A 604 7.21 29.62 6.93
CA ASN A 604 8.61 29.42 7.43
C ASN A 604 8.70 28.94 8.85
N ALA A 605 9.71 28.09 9.10
CA ALA A 605 10.00 27.65 10.47
C ALA A 605 10.22 28.86 11.49
N THR A 606 9.70 28.78 12.74
CA THR A 606 9.97 29.73 13.88
C THR A 606 10.94 29.18 14.83
C1 NAG B . 9.28 33.10 4.47
C2 NAG B . 8.53 34.45 4.36
C3 NAG B . 8.52 34.75 2.85
C4 NAG B . 10.01 34.87 2.46
C5 NAG B . 10.58 33.44 2.52
C6 NAG B . 11.92 33.13 1.83
C7 NAG B . 7.01 34.89 6.34
C8 NAG B . 5.57 35.03 6.83
N2 NAG B . 7.20 34.59 5.01
O3 NAG B . 7.75 35.90 2.49
O4 NAG B . 10.20 35.54 1.22
O5 NAG B . 10.61 33.16 3.93
O6 NAG B . 12.85 34.15 2.14
O7 NAG B . 7.92 35.05 7.17
C1 NAG C . -22.21 9.74 0.17
C2 NAG C . -23.26 9.62 1.37
C3 NAG C . -22.90 8.67 2.54
C4 NAG C . -22.46 7.28 2.06
C5 NAG C . -21.25 7.53 1.17
C6 NAG C . -20.41 6.24 0.90
C7 NAG C . -24.69 11.65 1.64
C8 NAG C . -24.70 13.06 2.22
N2 NAG C . -23.55 10.97 1.85
O3 NAG C . -23.97 8.49 3.46
O4 NAG C . -22.15 6.42 3.17
O5 NAG C . -21.65 8.36 0.02
O6 NAG C . -20.70 5.51 -0.28
O7 NAG C . -25.64 11.14 1.02
C1 NAG D . -19.14 -2.36 -13.31
C2 NAG D . -19.16 -3.85 -13.74
C3 NAG D . -20.55 -4.27 -14.21
C4 NAG D . -21.61 -3.90 -13.17
C5 NAG D . -21.48 -2.38 -12.92
C6 NAG D . -22.55 -1.74 -12.05
C7 NAG D . -17.07 -4.67 -14.76
C8 NAG D . -16.35 -4.82 -16.04
N2 NAG D . -18.28 -4.10 -14.85
O3 NAG D . -20.56 -5.67 -14.47
O4 NAG D . -22.89 -4.30 -13.67
O5 NAG D . -20.16 -2.18 -12.34
O6 NAG D . -22.43 -2.20 -10.70
O7 NAG D . -16.55 -5.03 -13.70
C1 G2F E . -6.30 -8.26 -3.63
C2 G2F E . -6.00 -6.72 -3.49
C3 G2F E . -4.48 -6.42 -3.40
C4 G2F E . -3.90 -7.19 -2.22
C5 G2F E . -4.34 -8.68 -2.25
C6 G2F E . -3.99 -9.45 -0.97
O3 G2F E . -4.11 -4.98 -3.33
O4 G2F E . -2.49 -7.06 -2.24
O5 G2F E . -5.81 -8.81 -2.37
O6 G2F E . -4.64 -8.81 0.13
F2 G2F E . -6.56 -5.96 -4.53
C1 SHG F . -8.63 -9.24 0.54
C2 SHG F . -7.98 -8.98 1.95
C3 SHG F . -8.50 -9.99 3.04
C4 SHG F . -10.04 -9.74 3.16
C5 SHG F . -10.66 -10.30 1.88
C6 SHG F . -12.18 -10.40 1.81
O1 SHG F . -8.49 -8.27 -0.64
O3 SHG F . -7.83 -10.23 4.34
O4 SHG F . -10.64 -10.29 4.30
O5 SHG F . -10.08 -9.62 0.76
O6 SHG F . -12.69 -9.74 0.59
F2 SHG F . -6.59 -8.94 1.95
C1 GOL G . -9.32 -4.29 -6.51
O1 GOL G . -9.27 -3.79 -5.20
C2 GOL G . -8.55 -3.38 -7.44
O2 GOL G . -9.22 -3.24 -8.72
C3 GOL G . -7.28 -4.17 -7.70
O3 GOL G . -7.65 -5.55 -7.81
C1 GOL H . -12.20 -30.95 -10.76
O1 GOL H . -10.79 -31.21 -10.92
C2 GOL H . -12.80 -31.08 -9.35
O2 GOL H . -14.16 -31.49 -9.53
C3 GOL H . -12.85 -29.79 -8.51
O3 GOL H . -12.28 -30.03 -7.22
C1 GOL I . -15.94 14.74 25.44
O1 GOL I . -14.83 14.82 24.50
C2 GOL I . -17.19 15.65 25.24
O2 GOL I . -18.18 15.25 26.22
C3 GOL I . -17.88 15.56 23.89
O3 GOL I . -17.83 16.83 23.27
C1 GOL J . 6.83 19.72 -10.01
O1 GOL J . 7.36 19.32 -8.73
C2 GOL J . 5.46 19.07 -10.21
O2 GOL J . 5.46 17.69 -9.74
C3 GOL J . 4.41 19.91 -9.47
O3 GOL J . 3.06 19.49 -9.65
C1 GOL K . 14.48 18.68 4.33
O1 GOL K . 14.79 17.48 3.60
C2 GOL K . 13.89 18.37 5.72
O2 GOL K . 13.69 19.53 6.51
C3 GOL K . 14.71 17.49 6.61
O3 GOL K . 13.88 17.17 7.74
C ACT L . 24.22 -15.47 -10.42
O ACT L . 25.34 -15.22 -10.92
OXT ACT L . 23.26 -15.76 -11.16
CH3 ACT L . 24.00 -15.49 -8.90
C ACT M . 13.07 -17.05 -21.14
O ACT M . 14.05 -17.62 -20.61
OXT ACT M . 12.51 -16.17 -20.46
CH3 ACT M . 12.53 -17.37 -22.53
C ACT N . -6.16 27.35 -7.91
O ACT N . -5.17 26.63 -7.71
OXT ACT N . -6.85 27.17 -8.96
CH3 ACT N . -6.51 28.39 -6.87
C ACT O . 14.39 -23.33 12.34
O ACT O . 15.25 -24.18 12.10
OXT ACT O . 13.19 -23.64 12.31
CH3 ACT O . 14.87 -21.94 12.66
C ACT P . -21.05 -11.21 -9.47
O ACT P . -20.38 -11.61 -8.50
OXT ACT P . -20.47 -10.80 -10.49
CH3 ACT P . -22.55 -11.26 -9.40
C ACT Q . 10.85 -36.51 -12.41
O ACT Q . 12.02 -36.87 -12.12
OXT ACT Q . 9.84 -36.93 -11.76
CH3 ACT Q . 10.74 -35.56 -13.58
C ACT R . -17.33 -18.32 -19.64
O ACT R . -17.78 -19.14 -18.78
OXT ACT R . -16.81 -18.71 -20.72
CH3 ACT R . -17.41 -16.82 -19.41
C ACT S . 5.24 7.08 19.30
O ACT S . 5.30 5.86 19.64
OXT ACT S . 4.47 7.57 18.34
CH3 ACT S . 6.24 7.91 20.14
C ACT T . 12.63 -12.44 -24.67
O ACT T . 13.36 -12.76 -23.70
OXT ACT T . 13.05 -11.64 -25.55
CH3 ACT T . 11.22 -12.99 -24.77
C ACT U . -17.03 -6.15 -5.18
O ACT U . -16.59 -6.06 -4.02
OXT ACT U . -16.34 -5.80 -6.16
CH3 ACT U . -18.43 -6.67 -5.44
C ACT V . 17.17 -14.48 -19.02
O ACT V . 18.17 -14.77 -18.27
OXT ACT V . 15.99 -14.56 -18.64
CH3 ACT V . 17.35 -13.98 -20.44
S SO4 W . 3.85 -29.31 -24.16
O1 SO4 W . 4.90 -30.34 -23.99
O2 SO4 W . 2.73 -29.86 -23.27
O3 SO4 W . 3.33 -29.18 -25.59
O4 SO4 W . 4.53 -27.98 -23.83
S SO4 X . 8.13 11.80 -20.39
O1 SO4 X . 7.45 10.90 -21.40
O2 SO4 X . 8.83 11.08 -19.29
O3 SO4 X . 7.13 12.68 -19.75
O4 SO4 X . 9.15 12.60 -21.07
S SO4 Y . -9.66 2.74 22.05
O1 SO4 Y . -8.99 1.53 21.52
O2 SO4 Y . -9.42 2.85 23.52
O3 SO4 Y . -11.13 2.63 21.72
O4 SO4 Y . -9.07 3.94 21.43
#